data_4N2N
#
_entry.id   4N2N
#
_cell.length_a   203.200
_cell.length_b   51.630
_cell.length_c   76.540
_cell.angle_alpha   90.000
_cell.angle_beta   106.040
_cell.angle_gamma   90.000
#
_symmetry.space_group_name_H-M   'C 1 2 1'
#
loop_
_entity.id
_entity.type
_entity.pdbx_description
1 polymer 'Protein-arginine deiminase type-2'
2 non-polymer (4S)-2-METHYL-2,4-PENTANEDIOL
3 non-polymer 'CALCIUM ION'
4 non-polymer 'ACETATE ION'
5 water water
#
_entity_poly.entity_id   1
_entity_poly.type   'polypeptide(L)'
_entity_poly.pdbx_seq_one_letter_code
;MGHHHHHHHHHHSSGHIEGRHMLRERTVRLQYGSRVEAVYVLGTYLWTDVYSAAPAGAQTFSLKHSEHVWVEVVRDGEAE
EVATNGKQRWLLSPSTTLRVTMSQASTEASSDKVTVNYYDEEGSIPIDQAGLFLTAIEISLDVDADRDGVVEKNNPKKAS
WTWGPEGQGAILLVNCDRETPWLPKEDCRDEKVYSKEDLKDMSQMILRTKGPDRLPAGYEIVLYISMSDSDKVGVFYVEN
PFFGQRYIHILGRRKLYHVVKYTGGSAELLFFVEGLCFPDEGFSGLVSIHVSLLEYMAQDIPLTPIFTDTVIFRIAPWIM
TPNILPPVSVFVCCMKDNYLFLKEVKNLVEKTNCELKVCFQYLNRGDRWIQDEIAFGYIEAPHKGFPVVLDSPRDGNLKD
FPVKELLGPDFGYVTREPLFESVTSLDSFGNLEVSPPVTVNGKTYPLGRILIGSSFPLSGGRRMTKVVRDFLKAQQVQAP
VELYSDWLTVGHVDEFMSFVPIPGTKKFLLLMASTSACYKLFREKQKDGHGEAIMFKGLGGMSSKRITINKILSNESLVQ
ENLYFQRCLDWNRDILKKELGLTEQDIIDLPALFKMDEDHRARAFFPNMVNMIVLDKDLGIPKPFGPQVEEECCLEMHVR
GLLEPLGLECTFIDDISAYHKFLGEVHCGTNVRRKPFTFKWWHMVPSRRS
;
_entity_poly.pdbx_strand_id   A
#
loop_
_chem_comp.id
_chem_comp.type
_chem_comp.name
_chem_comp.formula
ACT non-polymer 'ACETATE ION' 'C2 H3 O2 -1'
CA non-polymer 'CALCIUM ION' 'Ca 2'
MPD non-polymer (4S)-2-METHYL-2,4-PENTANEDIOL 'C6 H14 O2'
#
# COMPACT_ATOMS: atom_id res chain seq x y z
N LEU A 23 -32.64 7.00 -9.55
CA LEU A 23 -32.41 7.96 -10.62
C LEU A 23 -32.29 9.39 -10.10
N ARG A 24 -31.35 10.15 -10.65
CA ARG A 24 -31.15 11.55 -10.30
C ARG A 24 -32.11 12.43 -11.13
N GLU A 25 -32.72 13.42 -10.48
CA GLU A 25 -33.66 14.30 -11.17
C GLU A 25 -32.95 15.53 -11.73
N ARG A 26 -33.24 15.87 -12.97
CA ARG A 26 -32.62 17.02 -13.64
C ARG A 26 -33.69 17.97 -14.20
N THR A 27 -33.45 19.28 -14.05
CA THR A 27 -34.40 20.29 -14.51
C THR A 27 -34.20 20.64 -15.98
N VAL A 28 -35.23 20.45 -16.78
CA VAL A 28 -35.23 20.92 -18.17
C VAL A 28 -36.57 21.59 -18.48
N ARG A 29 -36.53 22.89 -18.76
CA ARG A 29 -37.76 23.64 -19.09
C ARG A 29 -38.00 23.77 -20.59
N LEU A 30 -39.26 23.68 -20.98
CA LEU A 30 -39.64 24.03 -22.34
C LEU A 30 -39.41 25.52 -22.52
N GLN A 31 -39.17 25.95 -23.74
CA GLN A 31 -38.86 27.35 -23.98
C GLN A 31 -40.01 28.09 -24.64
N TYR A 32 -40.39 29.22 -24.02
CA TYR A 32 -41.36 30.15 -24.57
C TYR A 32 -40.85 30.49 -25.96
N GLY A 33 -41.70 30.34 -26.98
CA GLY A 33 -41.16 30.25 -28.32
C GLY A 33 -40.44 28.92 -28.49
N SER A 34 -39.14 28.98 -28.80
CA SER A 34 -38.39 27.89 -29.43
C SER A 34 -38.53 26.51 -28.80
N ARG A 35 -38.57 25.49 -29.66
CA ARG A 35 -38.49 24.11 -29.20
C ARG A 35 -37.13 23.88 -28.51
N VAL A 36 -37.07 22.88 -27.64
CA VAL A 36 -35.85 22.57 -26.91
C VAL A 36 -35.30 21.23 -27.34
N GLU A 37 -34.00 21.16 -27.60
CA GLU A 37 -33.36 19.88 -27.92
C GLU A 37 -32.35 19.57 -26.82
N ALA A 38 -32.40 18.36 -26.29
CA ALA A 38 -31.56 18.00 -25.16
C ALA A 38 -31.09 16.56 -25.24
N VAL A 39 -29.87 16.32 -24.75
CA VAL A 39 -29.42 14.97 -24.50
C VAL A 39 -29.99 14.52 -23.16
N TYR A 40 -30.45 13.28 -23.09
CA TYR A 40 -30.94 12.66 -21.87
C TYR A 40 -29.96 11.53 -21.53
N VAL A 41 -29.41 11.53 -20.30
CA VAL A 41 -28.52 10.45 -19.91
C VAL A 41 -29.31 9.41 -19.13
N LEU A 42 -29.22 8.15 -19.56
CA LEU A 42 -29.92 7.08 -18.85
C LEU A 42 -29.48 7.05 -17.39
N GLY A 43 -30.43 6.80 -16.50
CA GLY A 43 -30.12 6.74 -15.07
C GLY A 43 -30.51 8.05 -14.42
N THR A 44 -30.98 8.99 -15.24
CA THR A 44 -31.52 10.24 -14.73
C THR A 44 -32.96 10.31 -15.15
N TYR A 45 -33.65 11.36 -14.72
CA TYR A 45 -34.91 11.71 -15.33
C TYR A 45 -35.12 13.21 -15.23
N LEU A 46 -36.04 13.72 -16.04
CA LEU A 46 -36.22 15.15 -16.18
C LEU A 46 -37.49 15.55 -15.48
N TRP A 47 -37.44 16.67 -14.77
CA TRP A 47 -38.68 17.32 -14.41
C TRP A 47 -38.79 18.55 -15.31
N THR A 48 -39.95 18.69 -15.94
CA THR A 48 -40.09 19.62 -17.04
C THR A 48 -41.17 20.68 -16.82
N ASP A 49 -40.75 21.93 -16.83
CA ASP A 49 -41.66 23.07 -16.72
C ASP A 49 -42.30 23.28 -18.10
N VAL A 50 -43.63 23.12 -18.18
CA VAL A 50 -44.37 23.48 -19.39
C VAL A 50 -45.10 24.83 -19.31
N TYR A 51 -45.09 25.43 -18.13
CA TYR A 51 -45.86 26.63 -17.88
C TYR A 51 -45.19 27.88 -18.45
N SER A 52 -43.86 27.98 -18.28
CA SER A 52 -43.12 29.16 -18.72
C SER A 52 -43.18 29.36 -20.24
N ALA A 53 -43.33 28.26 -20.97
CA ALA A 53 -43.40 28.31 -22.43
C ALA A 53 -44.77 28.67 -23.00
N ALA A 54 -45.81 28.65 -22.17
CA ALA A 54 -47.18 28.92 -22.62
C ALA A 54 -47.38 30.37 -23.01
N PRO A 55 -48.24 30.63 -24.01
CA PRO A 55 -48.60 32.02 -24.27
C PRO A 55 -49.29 32.59 -23.04
N ALA A 56 -49.11 33.89 -22.78
CA ALA A 56 -49.88 34.53 -21.72
C ALA A 56 -51.36 34.36 -22.01
N GLY A 57 -52.14 34.01 -20.98
CA GLY A 57 -53.57 33.87 -21.16
C GLY A 57 -54.00 32.54 -21.74
N ALA A 58 -53.05 31.64 -21.94
CA ALA A 58 -53.42 30.28 -22.28
C ALA A 58 -53.99 29.69 -21.00
N GLN A 59 -54.90 28.74 -21.15
CA GLN A 59 -55.65 28.18 -20.05
C GLN A 59 -55.18 26.79 -19.69
N THR A 60 -55.23 25.90 -20.68
CA THR A 60 -54.94 24.49 -20.49
C THR A 60 -53.88 24.00 -21.48
N PHE A 61 -53.37 22.79 -21.23
CA PHE A 61 -52.40 22.17 -22.13
C PHE A 61 -52.69 20.70 -22.31
N SER A 62 -52.21 20.14 -23.41
CA SER A 62 -52.29 18.70 -23.64
C SER A 62 -50.88 18.28 -24.10
N LEU A 63 -50.68 16.99 -24.32
CA LEU A 63 -49.36 16.55 -24.75
C LEU A 63 -49.40 15.27 -25.56
N LYS A 64 -48.41 15.12 -26.43
CA LYS A 64 -48.15 13.85 -27.10
C LYS A 64 -46.69 13.47 -26.85
N HIS A 65 -46.40 12.18 -26.97
CA HIS A 65 -45.02 11.74 -26.82
C HIS A 65 -44.77 10.48 -27.63
N SER A 66 -43.51 10.18 -27.89
CA SER A 66 -43.17 9.01 -28.68
C SER A 66 -43.10 7.76 -27.79
N GLU A 67 -42.90 6.60 -28.41
CA GLU A 67 -43.07 5.33 -27.70
C GLU A 67 -42.04 5.08 -26.59
N HIS A 68 -40.79 5.50 -26.81
CA HIS A 68 -39.72 5.26 -25.84
C HIS A 68 -39.55 6.38 -24.81
N VAL A 69 -40.46 7.34 -24.82
CA VAL A 69 -40.45 8.38 -23.81
C VAL A 69 -41.66 8.20 -22.89
N TRP A 70 -41.41 8.07 -21.60
CA TRP A 70 -42.49 7.89 -20.63
C TRP A 70 -42.75 9.27 -20.01
N VAL A 71 -44.01 9.67 -19.97
CA VAL A 71 -44.36 11.00 -19.47
C VAL A 71 -45.46 10.90 -18.42
N GLU A 72 -45.21 11.55 -17.28
CA GLU A 72 -46.22 11.69 -16.24
C GLU A 72 -46.52 13.17 -16.08
N VAL A 73 -47.77 13.49 -15.77
CA VAL A 73 -48.15 14.85 -15.37
C VAL A 73 -48.20 14.90 -13.85
N VAL A 74 -47.44 15.82 -13.27
CA VAL A 74 -47.32 15.88 -11.82
C VAL A 74 -47.98 17.16 -11.31
N ARG A 75 -49.04 17.00 -10.53
CA ARG A 75 -49.72 18.14 -9.95
C ARG A 75 -49.54 18.08 -8.44
N ASP A 76 -48.75 19.02 -7.91
CA ASP A 76 -48.53 19.12 -6.47
C ASP A 76 -48.04 17.80 -5.86
N GLY A 77 -47.20 17.07 -6.60
CA GLY A 77 -46.63 15.84 -6.08
C GLY A 77 -47.32 14.57 -6.55
N GLU A 78 -48.56 14.68 -7.01
CA GLU A 78 -49.28 13.52 -7.52
C GLU A 78 -49.06 13.33 -9.02
N ALA A 79 -48.60 12.14 -9.40
CA ALA A 79 -48.23 11.85 -10.78
C ALA A 79 -49.25 10.97 -11.52
N GLU A 80 -49.47 11.27 -12.79
CA GLU A 80 -50.37 10.49 -13.63
C GLU A 80 -49.69 10.17 -14.96
N GLU A 81 -49.63 8.88 -15.31
CA GLU A 81 -49.05 8.49 -16.59
C GLU A 81 -49.92 8.96 -17.76
N VAL A 82 -49.29 9.35 -18.86
CA VAL A 82 -50.00 9.88 -20.02
C VAL A 82 -49.66 9.07 -21.27
N ALA A 83 -50.69 8.79 -22.06
CA ALA A 83 -50.56 8.01 -23.30
C ALA A 83 -49.74 8.74 -24.37
N THR A 84 -49.26 8.01 -25.36
CA THR A 84 -48.53 8.64 -26.46
C THR A 84 -49.39 9.62 -27.26
N ASN A 85 -50.52 9.17 -27.83
CA ASN A 85 -51.44 10.13 -28.40
C ASN A 85 -52.76 10.09 -27.67
N GLY A 86 -52.93 10.99 -26.73
CA GLY A 86 -54.20 11.23 -26.09
C GLY A 86 -54.76 12.58 -26.46
N LYS A 87 -56.00 12.83 -26.05
CA LYS A 87 -56.57 14.18 -26.03
C LYS A 87 -56.66 14.93 -24.68
N GLN A 88 -56.15 14.31 -23.61
CA GLN A 88 -56.38 14.84 -22.26
C GLN A 88 -55.80 16.24 -22.06
N ARG A 89 -56.52 17.09 -21.32
CA ARG A 89 -56.03 18.41 -20.98
C ARG A 89 -55.93 18.63 -19.47
N TRP A 90 -55.00 19.49 -19.07
CA TRP A 90 -54.87 19.91 -17.68
C TRP A 90 -54.82 21.42 -17.61
N LEU A 91 -55.28 22.02 -16.51
CA LEU A 91 -55.09 23.44 -16.29
C LEU A 91 -53.60 23.78 -16.28
N LEU A 92 -53.24 24.90 -16.90
CA LEU A 92 -51.89 25.41 -16.79
C LEU A 92 -51.66 25.98 -15.40
N SER A 93 -50.63 25.48 -14.72
CA SER A 93 -50.20 26.00 -13.42
C SER A 93 -48.69 25.84 -13.29
N PRO A 94 -48.03 26.76 -12.56
CA PRO A 94 -46.59 26.57 -12.32
C PRO A 94 -46.34 25.31 -11.50
N SER A 95 -47.35 24.85 -10.77
CA SER A 95 -47.21 23.69 -9.90
C SER A 95 -47.64 22.40 -10.59
N THR A 96 -48.03 22.49 -11.87
CA THR A 96 -48.29 21.32 -12.68
C THR A 96 -47.17 21.17 -13.70
N THR A 97 -46.44 20.06 -13.62
CA THR A 97 -45.24 19.89 -14.43
C THR A 97 -45.21 18.49 -15.05
N LEU A 98 -44.20 18.20 -15.86
CA LEU A 98 -44.01 16.87 -16.41
C LEU A 98 -42.83 16.17 -15.75
N ARG A 99 -42.93 14.85 -15.65
CA ARG A 99 -41.77 14.03 -15.31
C ARG A 99 -41.51 13.18 -16.53
N VAL A 100 -40.29 13.27 -17.06
CA VAL A 100 -39.93 12.61 -18.31
C VAL A 100 -38.81 11.59 -18.10
N THR A 101 -39.08 10.33 -18.41
N THR A 101 -39.07 10.34 -18.49
CA THR A 101 -38.06 9.29 -18.30
CA THR A 101 -38.16 9.22 -18.25
C THR A 101 -37.87 8.60 -19.65
C THR A 101 -37.96 8.34 -19.49
N MET A 102 -36.71 7.98 -19.78
CA MET A 102 -36.39 7.08 -20.90
C MET A 102 -35.56 5.90 -20.36
N SER A 103 -35.90 4.68 -20.76
CA SER A 103 -35.11 3.51 -20.35
C SER A 103 -34.12 2.93 -21.37
N GLN A 104 -34.12 3.42 -22.60
CA GLN A 104 -33.22 2.88 -23.61
C GLN A 104 -32.61 3.98 -24.46
N ALA A 105 -31.35 3.79 -24.85
CA ALA A 105 -30.64 4.77 -25.66
C ALA A 105 -31.27 4.96 -27.04
N SER A 106 -31.14 6.17 -27.59
CA SER A 106 -31.60 6.46 -28.95
C SER A 106 -30.71 5.79 -29.98
N THR A 107 -31.30 5.39 -31.10
CA THR A 107 -30.55 4.92 -32.26
C THR A 107 -30.81 5.91 -33.38
N GLU A 108 -30.25 5.65 -34.56
CA GLU A 108 -30.50 6.48 -35.74
C GLU A 108 -31.97 6.48 -36.17
N ALA A 109 -32.67 5.39 -35.88
CA ALA A 109 -34.08 5.27 -36.26
C ALA A 109 -35.02 5.89 -35.22
N SER A 110 -34.45 6.46 -34.16
CA SER A 110 -35.23 7.05 -33.09
C SER A 110 -35.73 8.43 -33.47
N SER A 111 -37.01 8.70 -33.24
CA SER A 111 -37.41 10.07 -33.02
C SER A 111 -38.01 10.12 -31.62
N ASP A 112 -37.26 10.57 -30.63
CA ASP A 112 -37.76 10.58 -29.27
C ASP A 112 -38.17 12.00 -28.96
N LYS A 113 -39.42 12.20 -28.57
CA LYS A 113 -39.88 13.55 -28.31
C LYS A 113 -41.11 13.62 -27.43
N VAL A 114 -41.34 14.80 -26.85
CA VAL A 114 -42.56 15.14 -26.16
C VAL A 114 -43.00 16.48 -26.72
N THR A 115 -44.28 16.61 -27.07
CA THR A 115 -44.79 17.85 -27.60
C THR A 115 -45.98 18.32 -26.77
N VAL A 116 -45.97 19.60 -26.38
CA VAL A 116 -47.06 20.17 -25.60
C VAL A 116 -47.86 21.19 -26.41
N ASN A 117 -49.18 21.03 -26.43
CA ASN A 117 -50.08 21.98 -27.06
C ASN A 117 -50.77 22.87 -26.04
N TYR A 118 -50.91 24.15 -26.36
CA TYR A 118 -51.55 25.10 -25.47
C TYR A 118 -52.90 25.56 -26.02
N TYR A 119 -53.86 25.81 -25.13
CA TYR A 119 -55.22 26.17 -25.55
C TYR A 119 -55.67 27.39 -24.77
N ASP A 120 -56.44 28.26 -25.41
CA ASP A 120 -57.04 29.37 -24.66
C ASP A 120 -58.44 28.98 -24.19
N GLU A 121 -59.16 29.94 -23.60
CA GLU A 121 -60.45 29.65 -22.98
C GLU A 121 -61.48 29.24 -24.02
N GLU A 122 -61.49 29.96 -25.13
CA GLU A 122 -62.49 29.75 -26.15
C GLU A 122 -61.92 28.90 -27.27
N GLY A 123 -62.41 27.66 -27.36
CA GLY A 123 -62.01 26.77 -28.41
C GLY A 123 -60.99 25.72 -28.05
N SER A 124 -61.14 24.58 -28.72
CA SER A 124 -60.32 23.38 -28.52
C SER A 124 -59.17 23.16 -29.52
N ILE A 125 -58.94 24.12 -30.43
CA ILE A 125 -57.79 24.05 -31.31
C ILE A 125 -56.56 24.71 -30.66
N PRO A 126 -55.39 24.04 -30.69
CA PRO A 126 -54.19 24.60 -30.05
C PRO A 126 -53.85 26.01 -30.55
N ILE A 127 -53.51 26.92 -29.64
CA ILE A 127 -53.04 28.23 -30.05
C ILE A 127 -51.52 28.32 -30.21
N ASP A 128 -50.79 27.33 -29.69
CA ASP A 128 -49.35 27.29 -29.83
C ASP A 128 -48.86 25.91 -29.40
N GLN A 129 -47.56 25.66 -29.58
CA GLN A 129 -46.96 24.37 -29.30
C GLN A 129 -45.51 24.53 -28.86
N ALA A 130 -45.08 23.74 -27.87
CA ALA A 130 -43.68 23.74 -27.47
C ALA A 130 -43.24 22.29 -27.40
N GLY A 131 -41.97 22.04 -27.65
CA GLY A 131 -41.58 20.66 -27.77
C GLY A 131 -40.18 20.42 -27.27
N LEU A 132 -39.95 19.16 -26.96
CA LEU A 132 -38.72 18.74 -26.37
C LEU A 132 -38.28 17.53 -27.18
N PHE A 133 -37.15 17.68 -27.86
CA PHE A 133 -36.61 16.63 -28.72
C PHE A 133 -35.46 16.04 -27.96
N LEU A 134 -35.48 14.72 -27.78
CA LEU A 134 -34.54 14.05 -26.87
C LEU A 134 -33.63 13.05 -27.57
N THR A 135 -32.36 13.05 -27.17
CA THR A 135 -31.43 12.03 -27.61
C THR A 135 -30.90 11.33 -26.38
N ALA A 136 -31.29 10.08 -26.18
CA ALA A 136 -30.92 9.37 -24.96
C ALA A 136 -29.62 8.62 -25.18
N ILE A 137 -28.67 8.81 -24.27
CA ILE A 137 -27.41 8.08 -24.33
C ILE A 137 -27.07 7.48 -22.97
N GLU A 138 -26.32 6.39 -23.00
CA GLU A 138 -25.81 5.79 -21.79
C GLU A 138 -24.35 6.24 -21.65
N ILE A 139 -23.96 6.68 -20.46
CA ILE A 139 -22.56 7.04 -20.20
C ILE A 139 -22.20 6.49 -18.82
N SER A 140 -21.24 5.58 -18.76
CA SER A 140 -20.83 5.04 -17.46
C SER A 140 -19.33 4.82 -17.42
N LEU A 141 -18.69 5.36 -16.39
CA LEU A 141 -17.26 5.13 -16.17
C LEU A 141 -17.14 4.03 -15.14
N ASP A 142 -16.57 2.90 -15.55
CA ASP A 142 -16.61 1.66 -14.79
C ASP A 142 -15.22 1.16 -14.38
N VAL A 143 -15.15 0.62 -13.16
CA VAL A 143 -13.91 0.12 -12.56
C VAL A 143 -14.20 -1.17 -11.79
N ASP A 144 -13.19 -1.91 -11.32
CA ASP A 144 -13.53 -3.16 -10.68
C ASP A 144 -13.57 -2.78 -9.20
N ALA A 145 -14.78 -2.42 -8.77
CA ALA A 145 -15.04 -1.99 -7.40
C ALA A 145 -15.26 -3.17 -6.50
N ASP A 146 -15.74 -4.28 -7.07
CA ASP A 146 -15.98 -5.47 -6.26
C ASP A 146 -14.71 -6.30 -6.07
N ARG A 147 -13.62 -5.81 -6.63
N ARG A 147 -13.62 -5.81 -6.64
CA ARG A 147 -12.27 -6.32 -6.34
CA ARG A 147 -12.27 -6.30 -6.37
C ARG A 147 -12.05 -7.77 -6.75
C ARG A 147 -12.03 -7.76 -6.77
N ASP A 148 -12.69 -8.19 -7.85
CA ASP A 148 -12.42 -9.52 -8.41
C ASP A 148 -11.47 -9.56 -9.62
N GLY A 149 -11.00 -8.40 -10.06
CA GLY A 149 -10.12 -8.33 -11.22
C GLY A 149 -10.81 -8.17 -12.56
N VAL A 150 -12.13 -8.06 -12.56
CA VAL A 150 -12.90 -7.87 -13.79
C VAL A 150 -13.71 -6.57 -13.69
N VAL A 151 -13.91 -5.85 -14.79
CA VAL A 151 -14.57 -4.56 -14.64
C VAL A 151 -16.07 -4.74 -14.84
N GLU A 152 -16.81 -4.67 -13.74
CA GLU A 152 -18.27 -4.85 -13.79
C GLU A 152 -18.96 -3.60 -14.34
N LYS A 153 -20.21 -3.78 -14.81
CA LYS A 153 -20.95 -2.65 -15.33
C LYS A 153 -21.57 -1.81 -14.22
N ASN A 154 -21.17 -0.54 -14.16
CA ASN A 154 -21.71 0.46 -13.25
C ASN A 154 -21.97 -0.01 -11.82
N ASN A 155 -20.92 -0.36 -11.08
CA ASN A 155 -21.10 -0.74 -9.70
C ASN A 155 -21.66 0.48 -8.94
N PRO A 156 -22.81 0.33 -8.29
CA PRO A 156 -23.45 1.42 -7.54
C PRO A 156 -22.53 2.02 -6.47
N LYS A 157 -21.55 1.24 -6.00
CA LYS A 157 -20.59 1.70 -4.99
C LYS A 157 -19.25 2.22 -5.51
N LYS A 158 -19.12 2.32 -6.83
CA LYS A 158 -17.85 2.68 -7.47
C LYS A 158 -17.32 4.07 -7.08
N ALA A 159 -18.19 4.93 -6.54
CA ALA A 159 -17.76 6.28 -6.17
C ALA A 159 -17.35 6.36 -4.70
N SER A 160 -17.35 5.22 -4.01
CA SER A 160 -16.92 5.18 -2.61
C SER A 160 -15.83 4.13 -2.40
N TRP A 161 -15.14 4.23 -1.27
CA TRP A 161 -14.16 3.21 -0.93
C TRP A 161 -14.33 2.80 0.52
N THR A 162 -14.64 1.54 0.76
CA THR A 162 -14.82 1.04 2.12
C THR A 162 -13.93 -0.15 2.41
N TRP A 163 -13.44 -0.21 3.65
CA TRP A 163 -12.60 -1.29 4.14
C TRP A 163 -13.40 -2.53 4.52
N GLY A 164 -12.72 -3.67 4.51
CA GLY A 164 -13.25 -4.89 5.09
C GLY A 164 -13.72 -5.90 4.07
N PRO A 165 -14.12 -7.09 4.56
CA PRO A 165 -14.61 -8.19 3.72
C PRO A 165 -15.83 -7.79 2.89
N GLU A 166 -16.71 -6.96 3.46
CA GLU A 166 -17.91 -6.51 2.76
C GLU A 166 -17.67 -5.21 2.01
N GLY A 167 -16.46 -4.67 2.12
CA GLY A 167 -16.15 -3.37 1.54
C GLY A 167 -16.02 -3.38 0.02
N GLN A 168 -16.13 -2.20 -0.57
CA GLN A 168 -16.00 -2.07 -2.02
C GLN A 168 -15.23 -0.83 -2.43
N GLY A 169 -14.87 -0.83 -3.70
CA GLY A 169 -14.11 0.20 -4.39
C GLY A 169 -12.74 -0.23 -4.86
N ALA A 170 -12.35 0.41 -5.95
CA ALA A 170 -11.28 -0.10 -6.80
C ALA A 170 -9.91 0.23 -6.24
N ILE A 171 -8.93 -0.61 -6.58
CA ILE A 171 -7.59 -0.52 -6.02
C ILE A 171 -6.54 -0.27 -7.10
N LEU A 172 -5.52 0.53 -6.77
CA LEU A 172 -4.50 0.93 -7.73
C LEU A 172 -3.10 0.67 -7.15
N LEU A 173 -2.21 0.06 -7.93
CA LEU A 173 -0.82 -0.07 -7.49
C LEU A 173 -0.01 1.16 -7.88
N VAL A 174 0.90 1.59 -7.01
CA VAL A 174 1.95 2.50 -7.45
C VAL A 174 2.79 1.72 -8.45
N ASN A 175 3.03 2.25 -9.67
CA ASN A 175 3.73 1.38 -10.60
C ASN A 175 5.17 1.84 -10.45
N CYS A 176 5.80 1.21 -9.46
CA CYS A 176 7.13 1.55 -8.98
C CYS A 176 8.24 0.61 -9.40
N ASP A 177 7.90 -0.38 -10.22
CA ASP A 177 8.92 -1.28 -10.76
C ASP A 177 9.48 -0.66 -12.05
N ARG A 178 10.30 -1.40 -12.79
CA ARG A 178 10.85 -0.89 -14.03
C ARG A 178 10.82 -1.94 -15.15
N GLU A 179 10.10 -1.65 -16.23
CA GLU A 179 9.96 -2.60 -17.33
C GLU A 179 11.19 -2.59 -18.21
N THR A 180 11.76 -1.39 -18.37
CA THR A 180 12.82 -1.14 -19.34
C THR A 180 14.14 -0.71 -18.70
N PRO A 181 15.18 -1.57 -18.79
CA PRO A 181 16.44 -1.42 -18.04
C PRO A 181 17.29 -0.17 -18.31
N TRP A 182 17.25 0.40 -19.52
CA TRP A 182 18.12 1.53 -19.82
C TRP A 182 17.68 2.81 -19.12
N LEU A 183 16.38 2.90 -18.85
CA LEU A 183 15.85 4.01 -18.07
C LEU A 183 16.33 3.88 -16.63
N PRO A 184 16.81 4.99 -16.05
CA PRO A 184 17.31 5.01 -14.67
C PRO A 184 16.23 4.86 -13.61
N LYS A 185 15.01 5.31 -13.88
CA LYS A 185 14.02 5.44 -12.82
C LYS A 185 12.83 4.50 -12.94
N GLU A 186 11.97 4.54 -11.92
CA GLU A 186 10.79 3.68 -11.86
C GLU A 186 9.81 4.07 -12.96
N ASP A 187 8.96 3.13 -13.36
CA ASP A 187 8.01 3.36 -14.46
C ASP A 187 7.14 4.61 -14.27
N CYS A 188 6.78 4.91 -13.02
CA CYS A 188 5.81 5.97 -12.76
C CYS A 188 6.43 7.38 -12.75
N ARG A 189 7.74 7.46 -12.96
CA ARG A 189 8.41 8.76 -12.85
C ARG A 189 8.21 9.61 -14.10
N ASP A 190 7.67 9.03 -15.15
CA ASP A 190 7.39 9.79 -16.36
C ASP A 190 5.91 9.71 -16.77
N GLU A 191 5.60 10.33 -17.90
CA GLU A 191 4.30 10.28 -18.58
C GLU A 191 4.17 9.29 -19.75
N LYS A 192 5.16 8.43 -19.93
CA LYS A 192 5.19 7.51 -21.08
C LYS A 192 5.06 6.03 -20.70
N VAL A 193 4.46 5.24 -21.59
CA VAL A 193 4.48 3.78 -21.51
C VAL A 193 5.18 3.19 -22.73
N TYR A 194 6.31 2.54 -22.49
CA TYR A 194 7.09 1.90 -23.55
C TYR A 194 6.66 0.48 -23.98
N SER A 195 6.14 -0.32 -23.06
CA SER A 195 5.84 -1.70 -23.41
C SER A 195 4.54 -2.19 -22.83
N LYS A 196 3.95 -3.17 -23.51
CA LYS A 196 2.64 -3.71 -23.15
C LYS A 196 2.68 -4.38 -21.76
N GLU A 197 3.84 -4.89 -21.38
CA GLU A 197 4.04 -5.49 -20.06
C GLU A 197 3.66 -4.53 -18.93
N ASP A 198 3.90 -3.24 -19.14
CA ASP A 198 3.63 -2.24 -18.11
C ASP A 198 2.14 -2.23 -17.76
N LEU A 199 1.29 -2.46 -18.77
CA LEU A 199 -0.16 -2.38 -18.58
C LEU A 199 -0.67 -3.38 -17.56
N LYS A 200 0.04 -4.50 -17.39
CA LYS A 200 -0.39 -5.51 -16.43
C LYS A 200 -0.29 -5.02 -14.98
N ASP A 201 0.47 -3.95 -14.75
CA ASP A 201 0.60 -3.40 -13.39
C ASP A 201 -0.52 -2.40 -13.10
N MET A 202 -1.30 -2.09 -14.13
CA MET A 202 -2.26 -1.00 -14.10
C MET A 202 -3.69 -1.49 -13.91
N SER A 203 -4.53 -0.66 -13.33
CA SER A 203 -5.93 -0.98 -13.15
C SER A 203 -6.75 -0.54 -14.36
N GLN A 204 -7.71 -1.36 -14.76
CA GLN A 204 -8.50 -1.03 -15.94
C GLN A 204 -9.72 -0.19 -15.59
N MET A 205 -10.03 0.75 -16.48
CA MET A 205 -11.17 1.63 -16.30
C MET A 205 -11.81 1.75 -17.67
N ILE A 206 -13.10 1.47 -17.75
CA ILE A 206 -13.77 1.41 -19.06
C ILE A 206 -14.86 2.46 -19.11
N LEU A 207 -14.81 3.30 -20.13
CA LEU A 207 -15.91 4.23 -20.36
C LEU A 207 -16.85 3.56 -21.35
N ARG A 208 -18.03 3.21 -20.87
CA ARG A 208 -19.03 2.51 -21.67
C ARG A 208 -20.11 3.49 -22.10
N THR A 209 -20.39 3.55 -23.41
CA THR A 209 -21.43 4.42 -23.92
C THR A 209 -22.36 3.66 -24.86
N LYS A 210 -23.58 4.17 -25.01
CA LYS A 210 -24.53 3.68 -26.00
C LYS A 210 -25.28 4.90 -26.52
N GLY A 211 -25.42 5.00 -27.83
CA GLY A 211 -26.12 6.11 -28.43
C GLY A 211 -26.16 6.02 -29.95
N PRO A 212 -26.64 7.07 -30.62
CA PRO A 212 -26.71 7.13 -32.09
C PRO A 212 -25.35 7.47 -32.70
N ASP A 213 -25.31 7.70 -34.02
CA ASP A 213 -24.03 7.87 -34.70
C ASP A 213 -23.16 8.99 -34.14
N ARG A 214 -23.79 10.09 -33.75
CA ARG A 214 -23.07 11.26 -33.25
C ARG A 214 -23.79 11.87 -32.04
N LEU A 215 -23.04 12.56 -31.20
CA LEU A 215 -23.67 13.43 -30.20
C LEU A 215 -24.32 14.59 -30.93
N PRO A 216 -25.47 15.07 -30.43
CA PRO A 216 -26.09 16.26 -31.02
C PRO A 216 -25.14 17.46 -30.95
N ALA A 217 -25.37 18.46 -31.80
CA ALA A 217 -24.53 19.66 -31.81
C ALA A 217 -24.41 20.31 -30.44
N GLY A 218 -23.20 20.72 -30.08
CA GLY A 218 -22.95 21.45 -28.86
C GLY A 218 -22.60 20.62 -27.63
N TYR A 219 -22.39 19.31 -27.78
CA TYR A 219 -22.02 18.47 -26.65
C TYR A 219 -20.67 17.78 -26.87
N GLU A 220 -19.95 17.52 -25.77
CA GLU A 220 -18.77 16.67 -25.85
C GLU A 220 -18.57 15.96 -24.52
N ILE A 221 -17.85 14.85 -24.56
CA ILE A 221 -17.58 14.06 -23.36
C ILE A 221 -16.13 14.28 -22.95
N VAL A 222 -15.90 14.54 -21.67
CA VAL A 222 -14.55 14.90 -21.21
C VAL A 222 -14.21 14.14 -19.93
N LEU A 223 -13.05 13.51 -19.92
CA LEU A 223 -12.52 12.86 -18.72
C LEU A 223 -11.66 13.88 -18.01
N TYR A 224 -11.68 13.88 -16.67
CA TYR A 224 -10.83 14.83 -15.97
C TYR A 224 -10.48 14.42 -14.55
N ILE A 225 -9.44 15.06 -14.02
CA ILE A 225 -8.99 14.86 -12.64
C ILE A 225 -8.70 16.24 -12.04
N SER A 226 -8.57 16.28 -10.72
CA SER A 226 -8.19 17.52 -10.05
C SER A 226 -6.70 17.79 -10.19
N MET A 227 -6.33 19.06 -10.10
CA MET A 227 -4.92 19.44 -10.00
C MET A 227 -4.21 18.69 -8.88
N SER A 228 -4.85 18.57 -7.73
CA SER A 228 -4.26 17.83 -6.60
C SER A 228 -3.91 16.38 -6.93
N ASP A 229 -4.80 15.69 -7.64
CA ASP A 229 -4.56 14.28 -7.98
C ASP A 229 -3.63 14.08 -9.18
N SER A 230 -3.30 15.16 -9.89
CA SER A 230 -2.52 15.03 -11.13
C SER A 230 -1.10 14.51 -10.90
N ASP A 231 -0.59 14.62 -9.69
CA ASP A 231 0.67 13.97 -9.39
C ASP A 231 0.51 12.61 -8.69
N LYS A 232 -0.74 12.18 -8.49
CA LYS A 232 -1.00 10.84 -7.96
C LYS A 232 -1.32 9.73 -8.96
N VAL A 233 -1.65 10.08 -10.20
CA VAL A 233 -2.11 9.07 -11.15
C VAL A 233 -1.62 9.35 -12.55
N GLY A 234 -1.71 8.33 -13.40
CA GLY A 234 -1.65 8.61 -14.82
C GLY A 234 -2.56 7.59 -15.48
N VAL A 235 -3.06 7.97 -16.64
CA VAL A 235 -4.07 7.18 -17.30
C VAL A 235 -3.67 7.10 -18.74
N PHE A 236 -3.66 5.88 -19.26
CA PHE A 236 -3.25 5.64 -20.64
C PHE A 236 -4.34 4.98 -21.48
N TYR A 237 -4.30 5.28 -22.78
CA TYR A 237 -5.19 4.65 -23.73
C TYR A 237 -4.34 4.01 -24.83
N VAL A 238 -4.71 2.80 -25.25
CA VAL A 238 -3.96 2.07 -26.26
C VAL A 238 -4.60 2.25 -27.65
N GLU A 239 -3.81 2.76 -28.58
CA GLU A 239 -4.27 2.93 -29.96
C GLU A 239 -3.60 1.85 -30.80
N ASN A 240 -4.26 1.41 -31.86
CA ASN A 240 -3.64 0.44 -32.75
C ASN A 240 -3.57 0.93 -34.19
N PRO A 241 -2.81 2.02 -34.42
CA PRO A 241 -2.65 2.57 -35.77
C PRO A 241 -1.85 1.64 -36.66
N PHE A 242 -1.64 2.07 -37.89
CA PHE A 242 -1.04 1.24 -38.93
C PHE A 242 0.26 0.56 -38.51
N PHE A 243 1.20 1.30 -37.94
CA PHE A 243 2.54 0.75 -37.78
C PHE A 243 2.81 0.09 -36.41
N GLY A 244 1.81 0.08 -35.54
CA GLY A 244 1.92 -0.70 -34.32
C GLY A 244 1.16 -0.10 -33.17
N GLN A 245 1.15 -0.80 -32.05
CA GLN A 245 0.42 -0.35 -30.87
C GLN A 245 1.12 0.85 -30.23
N ARG A 246 0.36 1.86 -29.83
CA ARG A 246 0.94 2.97 -29.09
C ARG A 246 0.13 3.36 -27.86
N TYR A 247 0.79 4.04 -26.93
CA TYR A 247 0.21 4.32 -25.62
C TYR A 247 0.14 5.81 -25.42
N ILE A 248 -1.09 6.31 -25.24
CA ILE A 248 -1.33 7.74 -25.17
C ILE A 248 -1.61 8.14 -23.72
N HIS A 249 -0.93 9.18 -23.23
CA HIS A 249 -1.11 9.59 -21.84
C HIS A 249 -2.25 10.60 -21.88
N ILE A 250 -3.41 10.20 -21.38
CA ILE A 250 -4.53 11.13 -21.37
C ILE A 250 -4.89 11.90 -20.10
N LEU A 251 -4.38 11.49 -18.93
CA LEU A 251 -4.62 12.24 -17.68
C LEU A 251 -3.44 12.00 -16.75
N GLY A 252 -3.03 13.03 -16.02
CA GLY A 252 -1.86 12.86 -15.18
C GLY A 252 -1.15 14.17 -15.02
N ARG A 253 0.17 14.09 -14.81
CA ARG A 253 0.99 15.28 -14.63
C ARG A 253 0.81 16.21 -15.82
N ARG A 254 0.43 17.44 -15.49
CA ARG A 254 0.20 18.51 -16.45
C ARG A 254 -0.81 18.15 -17.54
N LYS A 255 -1.65 17.15 -17.30
CA LYS A 255 -2.80 16.96 -18.18
C LYS A 255 -4.03 16.71 -17.33
N LEU A 256 -4.89 17.72 -17.17
CA LEU A 256 -6.00 17.56 -16.24
C LEU A 256 -7.28 17.06 -16.87
N TYR A 257 -7.38 17.11 -18.21
CA TYR A 257 -8.61 16.68 -18.87
C TYR A 257 -8.29 16.09 -20.23
N HIS A 258 -9.20 15.28 -20.74
CA HIS A 258 -9.08 14.78 -22.10
C HIS A 258 -10.43 14.74 -22.76
N VAL A 259 -10.56 15.38 -23.91
CA VAL A 259 -11.79 15.30 -24.70
C VAL A 259 -11.86 13.97 -25.39
N VAL A 260 -12.94 13.24 -25.14
CA VAL A 260 -13.13 11.89 -25.64
C VAL A 260 -13.75 11.86 -27.03
N LYS A 261 -13.21 11.04 -27.92
CA LYS A 261 -13.77 10.87 -29.24
C LYS A 261 -14.94 9.89 -29.13
N TYR A 262 -16.13 10.36 -29.49
CA TYR A 262 -17.36 9.59 -29.34
C TYR A 262 -17.62 8.68 -30.54
N THR A 263 -17.92 7.42 -30.28
CA THR A 263 -18.34 6.45 -31.28
C THR A 263 -19.75 6.00 -30.93
N GLY A 264 -20.60 5.83 -31.93
CA GLY A 264 -21.99 5.46 -31.71
C GLY A 264 -22.21 3.98 -31.52
N GLY A 265 -23.47 3.59 -31.39
CA GLY A 265 -23.83 2.22 -31.06
C GLY A 265 -23.39 1.96 -29.64
N SER A 266 -23.20 0.70 -29.27
CA SER A 266 -22.63 0.39 -27.97
C SER A 266 -21.12 0.38 -28.11
N ALA A 267 -20.45 1.24 -27.34
CA ALA A 267 -19.01 1.34 -27.43
C ALA A 267 -18.36 1.27 -26.07
N GLU A 268 -17.12 0.80 -26.05
CA GLU A 268 -16.30 0.83 -24.84
C GLU A 268 -14.93 1.40 -25.19
N LEU A 269 -14.44 2.27 -24.32
CA LEU A 269 -13.07 2.74 -24.39
C LEU A 269 -12.34 2.23 -23.16
N LEU A 270 -11.28 1.45 -23.37
CA LEU A 270 -10.51 0.91 -22.26
C LEU A 270 -9.32 1.81 -21.91
N PHE A 271 -9.20 2.12 -20.63
CA PHE A 271 -8.08 2.91 -20.13
C PHE A 271 -7.34 2.13 -19.07
N PHE A 272 -6.08 2.49 -18.87
CA PHE A 272 -5.24 1.84 -17.89
C PHE A 272 -4.71 2.90 -16.94
N VAL A 273 -4.83 2.64 -15.63
CA VAL A 273 -4.53 3.64 -14.63
C VAL A 273 -3.36 3.18 -13.75
N GLU A 274 -2.37 4.05 -13.58
CA GLU A 274 -1.22 3.75 -12.69
C GLU A 274 -1.20 4.72 -11.50
N GLY A 275 -0.84 4.26 -10.30
CA GLY A 275 -0.57 5.18 -9.21
C GLY A 275 0.86 5.70 -9.27
N LEU A 276 1.06 6.99 -8.95
CA LEU A 276 2.39 7.57 -8.92
C LEU A 276 3.02 7.74 -7.53
N CYS A 277 2.19 7.62 -6.50
N CYS A 277 2.20 7.62 -6.49
CA CYS A 277 2.60 7.96 -5.14
CA CYS A 277 2.62 8.00 -5.15
C CYS A 277 2.01 6.97 -4.15
C CYS A 277 1.96 7.15 -4.06
N PHE A 278 2.73 6.72 -3.06
CA PHE A 278 2.19 5.94 -1.96
C PHE A 278 1.44 6.87 -1.02
N PRO A 279 0.53 6.30 -0.22
CA PRO A 279 -0.07 7.11 0.86
C PRO A 279 1.03 7.72 1.71
N ASP A 280 0.80 8.90 2.24
CA ASP A 280 1.83 9.57 3.01
C ASP A 280 1.16 10.57 3.92
N GLU A 281 1.95 11.30 4.68
CA GLU A 281 1.44 12.45 5.42
C GLU A 281 0.76 13.40 4.43
N GLY A 282 -0.49 13.76 4.69
CA GLY A 282 -1.21 14.64 3.80
C GLY A 282 -1.77 14.00 2.53
N PHE A 283 -1.55 12.70 2.34
CA PHE A 283 -2.23 12.03 1.22
C PHE A 283 -2.83 10.69 1.66
N SER A 284 -4.16 10.61 1.66
CA SER A 284 -4.85 9.43 2.21
C SER A 284 -4.64 8.19 1.35
N GLY A 285 -4.37 8.38 0.07
CA GLY A 285 -4.30 7.27 -0.87
C GLY A 285 -5.49 7.20 -1.81
N LEU A 286 -6.51 8.00 -1.54
CA LEU A 286 -7.73 8.02 -2.36
C LEU A 286 -7.60 9.04 -3.49
N VAL A 287 -7.96 8.63 -4.70
CA VAL A 287 -7.97 9.55 -5.83
C VAL A 287 -9.24 9.33 -6.63
N SER A 288 -9.62 10.33 -7.43
N SER A 288 -9.65 10.32 -7.41
CA SER A 288 -10.87 10.26 -8.17
CA SER A 288 -10.89 10.21 -8.16
C SER A 288 -10.63 10.56 -9.64
C SER A 288 -10.70 10.61 -9.61
N ILE A 289 -11.45 9.96 -10.50
CA ILE A 289 -11.45 10.29 -11.91
C ILE A 289 -12.89 10.51 -12.31
N HIS A 290 -13.14 11.49 -13.17
CA HIS A 290 -14.50 11.84 -13.54
C HIS A 290 -14.67 11.82 -15.05
N VAL A 291 -15.90 11.58 -15.50
CA VAL A 291 -16.28 11.89 -16.88
C VAL A 291 -17.51 12.80 -16.82
N SER A 292 -17.52 13.85 -17.66
CA SER A 292 -18.70 14.70 -17.75
C SER A 292 -19.14 14.84 -19.20
N LEU A 293 -20.45 14.98 -19.37
CA LEU A 293 -21.01 15.42 -20.64
C LEU A 293 -21.15 16.93 -20.51
N LEU A 294 -20.44 17.66 -21.37
CA LEU A 294 -20.45 19.12 -21.33
C LEU A 294 -21.28 19.68 -22.46
N GLU A 295 -22.00 20.78 -22.16
CA GLU A 295 -22.78 21.49 -23.17
C GLU A 295 -22.22 22.88 -23.49
N TYR A 296 -22.03 23.13 -24.79
CA TYR A 296 -21.57 24.42 -25.27
C TYR A 296 -22.71 25.45 -25.18
N MET A 297 -22.43 26.56 -24.51
CA MET A 297 -23.43 27.63 -24.35
C MET A 297 -23.21 28.74 -25.37
N ALA A 298 -22.04 29.38 -25.30
CA ALA A 298 -21.67 30.42 -26.25
C ALA A 298 -20.18 30.63 -26.15
N GLN A 299 -19.65 31.54 -26.97
CA GLN A 299 -18.24 31.90 -26.90
C GLN A 299 -17.95 32.66 -25.62
N ASP A 300 -16.77 32.45 -25.05
CA ASP A 300 -16.34 33.12 -23.83
C ASP A 300 -17.21 32.76 -22.61
N ILE A 301 -17.84 31.60 -22.67
CA ILE A 301 -18.61 31.11 -21.53
C ILE A 301 -18.20 29.66 -21.27
N PRO A 302 -18.07 29.28 -20.00
CA PRO A 302 -17.65 27.90 -19.76
C PRO A 302 -18.71 26.92 -20.25
N LEU A 303 -18.29 25.71 -20.56
CA LEU A 303 -19.23 24.66 -20.94
C LEU A 303 -19.91 24.16 -19.69
N THR A 304 -21.19 23.80 -19.80
CA THR A 304 -21.94 23.33 -18.64
C THR A 304 -21.86 21.82 -18.47
N PRO A 305 -21.49 21.34 -17.27
CA PRO A 305 -21.47 19.90 -16.96
C PRO A 305 -22.89 19.36 -16.78
N ILE A 306 -23.50 18.93 -17.89
CA ILE A 306 -24.84 18.34 -17.89
C ILE A 306 -24.98 17.06 -17.06
N PHE A 307 -23.94 16.22 -17.08
CA PHE A 307 -23.94 14.94 -16.38
C PHE A 307 -22.50 14.66 -15.98
N THR A 308 -22.32 14.10 -14.79
CA THR A 308 -20.98 13.71 -14.33
C THR A 308 -21.03 12.36 -13.64
N ASP A 309 -20.06 11.49 -13.95
CA ASP A 309 -19.95 10.18 -13.33
C ASP A 309 -18.54 10.09 -12.74
N THR A 310 -18.42 9.47 -11.58
CA THR A 310 -17.16 9.46 -10.84
C THR A 310 -16.77 8.05 -10.37
N VAL A 311 -15.49 7.73 -10.47
CA VAL A 311 -14.94 6.52 -9.82
C VAL A 311 -13.82 6.92 -8.85
N ILE A 312 -13.67 6.15 -7.78
CA ILE A 312 -12.59 6.35 -6.81
C ILE A 312 -11.62 5.18 -6.87
N PHE A 313 -10.33 5.48 -6.72
CA PHE A 313 -9.32 4.44 -6.51
C PHE A 313 -8.67 4.65 -5.16
N ARG A 314 -8.35 3.56 -4.47
CA ARG A 314 -7.36 3.65 -3.36
C ARG A 314 -6.04 3.05 -3.80
N ILE A 315 -4.96 3.80 -3.61
CA ILE A 315 -3.62 3.31 -3.90
C ILE A 315 -3.17 2.36 -2.77
N ALA A 316 -2.69 1.18 -3.17
CA ALA A 316 -2.29 0.11 -2.24
C ALA A 316 -1.08 0.51 -1.40
N PRO A 317 -1.12 0.18 -0.09
CA PRO A 317 -0.04 0.53 0.83
C PRO A 317 1.21 -0.37 0.66
N TRP A 318 2.37 0.11 1.10
CA TRP A 318 3.55 -0.73 1.19
C TRP A 318 3.41 -1.58 2.47
N ILE A 319 3.60 -2.89 2.34
CA ILE A 319 3.40 -3.83 3.45
C ILE A 319 4.70 -4.60 3.72
N MET A 320 5.16 -4.64 4.96
CA MET A 320 6.42 -5.31 5.31
C MET A 320 6.18 -6.79 5.65
N THR A 321 7.11 -7.67 5.29
CA THR A 321 6.94 -9.10 5.56
C THR A 321 7.70 -9.58 6.81
N PRO A 322 6.99 -10.09 7.82
CA PRO A 322 7.67 -10.62 9.01
C PRO A 322 8.37 -11.95 8.74
N ASN A 323 9.25 -12.34 9.66
CA ASN A 323 10.07 -13.54 9.54
C ASN A 323 9.31 -14.85 9.41
N ILE A 324 8.03 -14.84 9.76
CA ILE A 324 7.23 -16.07 9.74
C ILE A 324 6.68 -16.43 8.34
N LEU A 325 6.76 -15.48 7.40
CA LEU A 325 6.28 -15.72 6.04
C LEU A 325 7.28 -16.58 5.25
N PRO A 326 6.79 -17.40 4.30
CA PRO A 326 7.66 -18.34 3.59
C PRO A 326 8.78 -17.63 2.83
N PRO A 327 10.01 -18.10 3.01
CA PRO A 327 11.14 -17.48 2.30
C PRO A 327 11.19 -17.88 0.82
N VAL A 328 11.54 -16.93 -0.04
CA VAL A 328 11.72 -17.18 -1.46
C VAL A 328 13.19 -17.05 -1.83
N SER A 329 13.75 -15.87 -1.57
CA SER A 329 15.14 -15.55 -1.91
C SER A 329 15.91 -15.02 -0.72
N VAL A 330 17.16 -15.45 -0.60
CA VAL A 330 18.04 -14.97 0.47
C VAL A 330 19.13 -14.10 -0.16
N PHE A 331 19.07 -12.79 0.11
CA PHE A 331 20.10 -11.88 -0.41
C PHE A 331 21.23 -11.72 0.62
N VAL A 332 22.46 -11.81 0.15
CA VAL A 332 23.62 -11.82 1.02
C VAL A 332 24.73 -10.89 0.50
N CYS A 333 25.28 -10.08 1.40
N CYS A 333 25.27 -10.08 1.41
CA CYS A 333 26.43 -9.25 1.06
CA CYS A 333 26.43 -9.26 1.13
C CYS A 333 27.58 -9.49 2.02
C CYS A 333 27.57 -9.64 2.04
N CYS A 334 28.78 -9.75 1.47
CA CYS A 334 29.99 -9.98 2.24
C CYS A 334 31.22 -9.72 1.37
N MET A 335 32.42 -9.88 1.93
CA MET A 335 33.63 -9.82 1.13
C MET A 335 33.77 -11.12 0.35
N LYS A 336 34.40 -11.03 -0.82
CA LYS A 336 34.67 -12.20 -1.65
C LYS A 336 35.34 -13.31 -0.87
N ASP A 337 36.24 -12.93 0.03
CA ASP A 337 37.05 -13.89 0.76
C ASP A 337 36.52 -14.35 2.11
N ASN A 338 35.28 -14.00 2.47
CA ASN A 338 34.84 -14.53 3.74
C ASN A 338 34.23 -15.86 3.34
N TYR A 339 35.02 -16.91 3.48
CA TYR A 339 34.68 -18.21 2.92
C TYR A 339 33.79 -19.05 3.81
N LEU A 340 34.10 -19.05 5.10
CA LEU A 340 33.34 -19.79 6.09
C LEU A 340 31.90 -19.32 6.09
N PHE A 341 31.71 -18.01 6.01
CA PHE A 341 30.39 -17.42 6.00
C PHE A 341 29.61 -17.87 4.78
N LEU A 342 30.25 -17.76 3.61
CA LEU A 342 29.59 -18.13 2.36
C LEU A 342 29.25 -19.61 2.32
N LYS A 343 30.18 -20.43 2.79
CA LYS A 343 30.02 -21.88 2.80
C LYS A 343 28.87 -22.28 3.70
N GLU A 344 28.83 -21.68 4.89
CA GLU A 344 27.81 -22.00 5.88
C GLU A 344 26.43 -21.46 5.50
N VAL A 345 26.40 -20.28 4.89
CA VAL A 345 25.13 -19.72 4.42
C VAL A 345 24.61 -20.53 3.22
N LYS A 346 25.51 -20.91 2.32
CA LYS A 346 25.14 -21.79 1.21
C LYS A 346 24.54 -23.09 1.73
N ASN A 347 25.21 -23.70 2.69
CA ASN A 347 24.74 -24.93 3.33
C ASN A 347 23.34 -24.79 3.91
N LEU A 348 23.13 -23.71 4.66
CA LEU A 348 21.84 -23.44 5.28
C LEU A 348 20.75 -23.33 4.23
N VAL A 349 20.97 -22.51 3.21
CA VAL A 349 19.95 -22.28 2.19
C VAL A 349 19.66 -23.57 1.39
N GLU A 350 20.64 -24.46 1.31
CA GLU A 350 20.47 -25.74 0.61
C GLU A 350 19.53 -26.71 1.32
N LYS A 351 19.28 -26.46 2.61
CA LYS A 351 18.36 -27.27 3.37
C LYS A 351 16.93 -26.79 3.11
N THR A 352 16.82 -25.66 2.42
CA THR A 352 15.54 -25.07 2.09
C THR A 352 15.34 -25.10 0.57
N ASN A 353 14.21 -24.59 0.11
CA ASN A 353 13.97 -24.44 -1.32
C ASN A 353 14.32 -23.06 -1.85
N CYS A 354 14.92 -22.25 -0.98
CA CYS A 354 15.22 -20.86 -1.30
C CYS A 354 16.35 -20.71 -2.29
N GLU A 355 16.37 -19.58 -2.99
CA GLU A 355 17.51 -19.26 -3.83
C GLU A 355 18.46 -18.31 -3.10
N LEU A 356 19.75 -18.51 -3.32
CA LEU A 356 20.76 -17.65 -2.73
C LEU A 356 21.27 -16.64 -3.75
N LYS A 357 21.28 -15.37 -3.38
CA LYS A 357 21.84 -14.33 -4.23
C LYS A 357 22.95 -13.64 -3.45
N VAL A 358 24.15 -13.58 -4.02
CA VAL A 358 25.29 -13.01 -3.31
C VAL A 358 25.83 -11.76 -4.02
N CYS A 359 26.10 -10.72 -3.24
CA CYS A 359 26.82 -9.55 -3.76
C CYS A 359 28.15 -9.36 -3.01
N PHE A 360 29.26 -9.34 -3.74
CA PHE A 360 30.56 -9.07 -3.14
C PHE A 360 30.88 -7.58 -3.16
N ASP A 367 30.28 -4.30 5.39
CA ASP A 367 29.29 -4.00 4.36
C ASP A 367 27.94 -4.66 4.66
N ARG A 368 27.11 -3.95 5.42
CA ARG A 368 25.78 -4.45 5.79
C ARG A 368 24.61 -3.94 4.95
N TRP A 369 24.87 -3.18 3.89
CA TRP A 369 23.83 -2.39 3.22
C TRP A 369 22.56 -3.15 2.87
N ILE A 370 22.70 -4.42 2.49
CA ILE A 370 21.51 -5.18 2.12
C ILE A 370 20.59 -5.30 3.31
N GLN A 371 21.17 -5.37 4.52
CA GLN A 371 20.40 -5.39 5.76
C GLN A 371 19.98 -4.00 6.29
N ASP A 372 20.92 -3.05 6.27
CA ASP A 372 20.66 -1.71 6.79
C ASP A 372 19.96 -0.73 5.86
N GLU A 373 20.21 -0.85 4.56
CA GLU A 373 19.70 0.13 3.62
C GLU A 373 18.41 -0.29 2.90
N ILE A 374 17.95 -1.50 3.17
CA ILE A 374 16.87 -2.11 2.40
C ILE A 374 15.84 -2.77 3.32
N ALA A 375 14.56 -2.48 3.11
CA ALA A 375 13.49 -3.21 3.80
C ALA A 375 12.63 -3.83 2.73
N PHE A 376 12.48 -5.15 2.78
CA PHE A 376 11.67 -5.86 1.80
C PHE A 376 10.20 -5.83 2.20
N GLY A 377 9.36 -5.50 1.24
CA GLY A 377 7.93 -5.32 1.45
C GLY A 377 7.26 -5.67 0.15
N TYR A 378 5.95 -5.47 0.06
CA TYR A 378 5.21 -5.77 -1.16
C TYR A 378 4.00 -4.87 -1.30
N ILE A 379 3.45 -4.86 -2.51
CA ILE A 379 2.16 -4.22 -2.75
C ILE A 379 1.25 -5.24 -3.44
N GLU A 380 -0.06 -5.10 -3.25
CA GLU A 380 -1.00 -6.02 -3.88
C GLU A 380 -2.31 -5.35 -4.27
N ALA A 381 -2.82 -5.73 -5.43
CA ALA A 381 -4.14 -5.30 -5.89
C ALA A 381 -4.81 -6.58 -6.37
N PRO A 382 -6.15 -6.56 -6.55
CA PRO A 382 -6.83 -7.77 -7.04
C PRO A 382 -6.23 -8.35 -8.35
N HIS A 383 -5.73 -7.50 -9.22
CA HIS A 383 -5.21 -7.94 -10.52
C HIS A 383 -3.71 -8.24 -10.55
N LYS A 384 -2.98 -7.86 -9.51
CA LYS A 384 -1.52 -8.01 -9.54
C LYS A 384 -0.89 -7.54 -8.25
N GLY A 385 0.30 -8.03 -7.98
CA GLY A 385 1.10 -7.59 -6.86
C GLY A 385 2.54 -7.98 -7.13
N PHE A 386 3.46 -7.22 -6.55
CA PHE A 386 4.89 -7.52 -6.62
C PHE A 386 5.67 -7.05 -5.38
N PRO A 387 6.87 -7.63 -5.15
CA PRO A 387 7.71 -7.11 -4.06
C PRO A 387 8.12 -5.66 -4.30
N VAL A 388 8.30 -4.91 -3.23
CA VAL A 388 8.75 -3.52 -3.34
C VAL A 388 9.77 -3.24 -2.23
N VAL A 389 10.92 -2.71 -2.62
CA VAL A 389 11.99 -2.35 -1.70
C VAL A 389 11.83 -0.94 -1.18
N LEU A 390 11.92 -0.77 0.14
CA LEU A 390 12.02 0.56 0.71
C LEU A 390 13.51 0.84 0.97
N ASP A 391 13.99 1.96 0.43
CA ASP A 391 15.41 2.31 0.47
C ASP A 391 15.68 3.38 1.52
N SER A 392 16.63 3.10 2.41
CA SER A 392 16.89 3.98 3.54
CA SER A 392 16.93 3.97 3.55
C SER A 392 17.43 5.34 3.09
N PRO A 393 17.08 6.40 3.84
CA PRO A 393 17.49 7.78 3.53
C PRO A 393 18.99 7.97 3.44
N ARG A 394 19.43 8.81 2.51
CA ARG A 394 20.84 9.16 2.37
C ARG A 394 21.21 10.32 3.29
N ASP A 395 22.29 10.15 4.06
CA ASP A 395 22.84 11.21 4.90
C ASP A 395 23.75 12.18 4.13
N GLY A 396 24.60 11.61 3.26
CA GLY A 396 25.60 12.36 2.53
C GLY A 396 27.01 12.20 3.08
N ASN A 397 27.13 11.84 4.36
CA ASN A 397 28.42 11.50 4.95
C ASN A 397 28.83 10.06 4.66
N LEU A 398 27.85 9.15 4.78
CA LEU A 398 28.06 7.72 4.60
C LEU A 398 27.41 7.24 3.31
N LYS A 399 26.09 7.39 3.21
CA LYS A 399 25.39 7.02 1.99
C LYS A 399 25.11 8.29 1.19
N ASP A 400 25.86 8.46 0.10
CA ASP A 400 25.70 9.59 -0.80
C ASP A 400 24.60 9.36 -1.81
N PHE A 401 24.51 8.13 -2.30
CA PHE A 401 23.62 7.79 -3.39
C PHE A 401 22.60 6.72 -2.98
N PRO A 402 21.39 6.79 -3.55
CA PRO A 402 20.34 5.79 -3.32
C PRO A 402 20.75 4.42 -3.88
N VAL A 403 20.16 3.33 -3.38
CA VAL A 403 20.41 2.04 -4.02
C VAL A 403 19.19 1.67 -4.87
N LYS A 404 19.35 1.81 -6.19
CA LYS A 404 18.36 1.41 -7.18
C LYS A 404 18.62 0.10 -7.92
N GLU A 405 19.71 -0.58 -7.58
CA GLU A 405 20.17 -1.70 -8.39
C GLU A 405 19.26 -2.93 -8.38
N LEU A 406 18.33 -2.98 -7.42
CA LEU A 406 17.35 -4.05 -7.37
C LEU A 406 16.10 -3.73 -8.18
N LEU A 407 16.00 -2.48 -8.62
CA LEU A 407 14.83 -2.04 -9.36
C LEU A 407 14.79 -2.81 -10.68
N GLY A 408 13.66 -3.43 -10.97
CA GLY A 408 13.54 -4.26 -12.15
C GLY A 408 12.11 -4.66 -12.44
N PRO A 409 11.90 -5.59 -13.39
CA PRO A 409 10.50 -5.94 -13.67
C PRO A 409 9.88 -6.68 -12.50
N ASP A 410 8.69 -6.22 -12.08
CA ASP A 410 8.00 -6.71 -10.88
C ASP A 410 8.88 -6.76 -9.64
N PHE A 411 9.84 -5.84 -9.55
CA PHE A 411 10.49 -5.59 -8.28
C PHE A 411 10.57 -4.09 -8.13
N GLY A 412 9.81 -3.53 -7.19
CA GLY A 412 9.58 -2.11 -7.15
C GLY A 412 10.46 -1.39 -6.15
N TYR A 413 10.39 -0.07 -6.17
CA TYR A 413 11.28 0.75 -5.38
C TYR A 413 10.50 1.94 -4.81
N VAL A 414 10.79 2.28 -3.55
CA VAL A 414 10.26 3.50 -2.95
C VAL A 414 11.28 4.03 -1.94
N THR A 415 11.34 5.35 -1.81
CA THR A 415 12.23 5.96 -0.82
C THR A 415 11.68 7.30 -0.35
N ARG A 416 12.15 7.74 0.81
CA ARG A 416 11.80 9.04 1.35
C ARG A 416 13.07 9.81 1.73
N GLU A 417 13.10 11.08 1.36
CA GLU A 417 14.26 11.92 1.64
C GLU A 417 13.95 13.03 2.65
N PRO A 418 14.46 12.89 3.89
CA PRO A 418 14.40 13.94 4.92
C PRO A 418 15.27 15.15 4.60
N GLU A 421 17.87 14.64 6.59
CA GLU A 421 18.15 15.96 7.11
C GLU A 421 17.44 16.22 8.45
N SER A 422 18.07 15.80 9.55
CA SER A 422 19.35 15.09 9.51
C SER A 422 19.18 13.64 9.95
N VAL A 423 19.62 12.70 9.11
CA VAL A 423 19.47 11.29 9.43
C VAL A 423 20.55 10.83 10.42
N THR A 424 20.19 9.87 11.26
CA THR A 424 21.11 9.30 12.23
C THR A 424 21.07 7.80 12.00
N SER A 425 21.80 7.05 12.82
CA SER A 425 21.82 5.60 12.71
C SER A 425 20.44 4.96 12.88
N LEU A 426 19.52 5.64 13.57
CA LEU A 426 18.18 5.08 13.78
C LEU A 426 17.32 5.10 12.51
N ASP A 427 17.82 5.75 11.46
CA ASP A 427 17.14 5.72 10.16
C ASP A 427 17.49 4.48 9.33
N SER A 428 18.50 3.74 9.77
CA SER A 428 18.86 2.49 9.10
CA SER A 428 18.87 2.48 9.13
C SER A 428 17.79 1.44 9.32
N PHE A 429 17.60 0.57 8.33
CA PHE A 429 16.47 -0.36 8.41
C PHE A 429 16.76 -1.61 9.24
N GLY A 430 17.95 -1.69 9.81
CA GLY A 430 18.19 -2.62 10.90
C GLY A 430 17.30 -2.22 12.06
N ASN A 431 16.87 -0.96 12.02
CA ASN A 431 16.00 -0.38 13.07
C ASN A 431 14.51 -0.49 12.73
N LEU A 432 14.21 -1.23 11.68
CA LEU A 432 12.84 -1.45 11.26
C LEU A 432 12.54 -2.96 11.22
N GLU A 433 11.53 -3.39 11.97
N GLU A 433 11.55 -3.38 12.00
CA GLU A 433 11.11 -4.78 11.88
CA GLU A 433 11.10 -4.78 12.07
C GLU A 433 9.59 -4.84 11.90
C GLU A 433 9.59 -4.84 11.97
N VAL A 434 9.03 -6.04 11.76
CA VAL A 434 7.57 -6.19 11.77
C VAL A 434 7.18 -7.48 12.46
N SER A 435 6.15 -7.41 13.30
CA SER A 435 5.69 -8.60 14.02
C SER A 435 4.86 -9.51 13.09
N PRO A 436 4.70 -10.79 13.48
CA PRO A 436 3.70 -11.69 12.92
C PRO A 436 2.31 -11.16 13.26
N PRO A 437 1.25 -11.66 12.61
CA PRO A 437 -0.11 -11.27 12.94
C PRO A 437 -0.37 -11.46 14.44
N VAL A 438 -1.01 -10.47 15.06
CA VAL A 438 -1.29 -10.53 16.50
C VAL A 438 -2.70 -10.03 16.78
N THR A 439 -3.20 -10.36 17.98
CA THR A 439 -4.47 -9.85 18.46
C THR A 439 -4.21 -9.17 19.81
N VAL A 440 -4.67 -7.93 19.94
CA VAL A 440 -4.35 -7.11 21.10
C VAL A 440 -5.62 -6.50 21.65
N ASN A 441 -5.96 -6.86 22.89
CA ASN A 441 -7.20 -6.41 23.52
C ASN A 441 -8.42 -6.67 22.64
N GLY A 442 -8.42 -7.78 21.91
CA GLY A 442 -9.52 -8.13 21.02
C GLY A 442 -9.45 -7.51 19.63
N LYS A 443 -8.48 -6.62 19.40
CA LYS A 443 -8.30 -6.02 18.09
C LYS A 443 -7.28 -6.81 17.29
N THR A 444 -7.63 -7.19 16.07
N THR A 444 -7.64 -7.18 16.06
CA THR A 444 -6.73 -7.99 15.26
CA THR A 444 -6.76 -7.98 15.22
C THR A 444 -5.86 -7.13 14.35
C THR A 444 -5.85 -7.12 14.34
N TYR A 445 -4.60 -7.56 14.19
CA TYR A 445 -3.66 -6.94 13.29
C TYR A 445 -3.18 -8.06 12.36
N PRO A 446 -3.96 -8.35 11.32
CA PRO A 446 -3.73 -9.55 10.51
C PRO A 446 -2.44 -9.51 9.69
N LEU A 447 -1.88 -8.32 9.49
CA LEU A 447 -0.60 -8.11 8.82
C LEU A 447 0.59 -7.90 9.77
N GLY A 448 0.34 -8.02 11.07
CA GLY A 448 1.35 -7.71 12.09
C GLY A 448 1.44 -6.21 12.32
N ARG A 449 2.43 -5.80 13.12
CA ARG A 449 2.65 -4.38 13.39
C ARG A 449 4.12 -4.06 13.20
N ILE A 450 4.38 -2.93 12.54
CA ILE A 450 5.75 -2.49 12.32
C ILE A 450 6.34 -2.00 13.65
N LEU A 451 7.63 -2.26 13.88
CA LEU A 451 8.33 -1.85 15.11
C LEU A 451 9.53 -0.98 14.73
N ILE A 452 9.63 0.18 15.37
CA ILE A 452 10.71 1.12 15.08
C ILE A 452 11.39 1.49 16.39
N GLY A 453 12.73 1.46 16.43
CA GLY A 453 13.43 1.87 17.64
C GLY A 453 13.49 3.38 17.80
N SER A 454 13.40 3.83 19.05
CA SER A 454 13.36 5.25 19.35
C SER A 454 13.99 5.52 20.71
N SER A 455 13.82 6.75 21.21
CA SER A 455 14.31 7.15 22.52
C SER A 455 13.11 7.64 23.34
N PHE A 456 13.27 7.78 24.66
CA PHE A 456 12.18 8.27 25.51
C PHE A 456 11.76 9.70 25.12
N PRO A 457 10.46 10.04 25.27
CA PRO A 457 9.92 11.34 24.84
C PRO A 457 10.69 12.56 25.35
N LEU A 458 11.09 12.52 26.61
CA LEU A 458 11.78 13.67 27.21
C LEU A 458 13.30 13.56 27.18
N SER A 459 13.83 12.51 26.53
CA SER A 459 15.26 12.22 26.58
C SER A 459 16.17 13.16 25.77
N GLY A 460 15.63 13.76 24.71
CA GLY A 460 16.46 14.49 23.75
C GLY A 460 17.34 13.55 22.94
N GLY A 461 16.95 12.27 22.91
CA GLY A 461 17.74 11.25 22.22
C GLY A 461 17.43 11.18 20.74
N ARG A 462 17.99 10.17 20.07
CA ARG A 462 17.79 10.00 18.63
C ARG A 462 16.42 9.42 18.33
N ARG A 463 15.93 9.69 17.12
CA ARG A 463 14.66 9.14 16.69
C ARG A 463 14.69 9.05 15.17
N MET A 464 14.02 8.03 14.62
CA MET A 464 13.91 7.91 13.16
C MET A 464 13.29 9.19 12.61
N THR A 465 13.74 9.63 11.44
CA THR A 465 13.25 10.88 10.88
C THR A 465 11.73 10.88 10.69
N LYS A 466 11.14 12.04 10.87
CA LYS A 466 9.70 12.20 10.79
C LYS A 466 9.16 11.76 9.43
N VAL A 467 9.91 12.03 8.36
CA VAL A 467 9.42 11.70 7.02
C VAL A 467 9.23 10.20 6.86
N VAL A 468 10.14 9.40 7.44
CA VAL A 468 10.00 7.96 7.34
C VAL A 468 8.92 7.44 8.29
N ARG A 469 8.87 7.97 9.51
CA ARG A 469 7.83 7.58 10.45
C ARG A 469 6.44 7.89 9.90
N ASP A 470 6.28 9.08 9.31
CA ASP A 470 5.01 9.49 8.70
C ASP A 470 4.60 8.57 7.55
N PHE A 471 5.58 8.19 6.74
CA PHE A 471 5.32 7.24 5.66
C PHE A 471 4.75 5.92 6.18
N LEU A 472 5.41 5.35 7.20
CA LEU A 472 5.00 4.04 7.73
C LEU A 472 3.62 4.12 8.39
N LYS A 473 3.38 5.20 9.11
CA LYS A 473 2.06 5.43 9.72
C LYS A 473 0.95 5.54 8.67
N ALA A 474 1.24 6.21 7.56
CA ALA A 474 0.26 6.43 6.51
C ALA A 474 -0.14 5.16 5.77
N GLN A 475 0.67 4.11 5.82
CA GLN A 475 0.30 2.88 5.15
C GLN A 475 -0.86 2.22 5.89
N GLN A 476 -0.91 2.49 7.18
CA GLN A 476 -2.02 2.27 8.12
C GLN A 476 -2.25 0.81 8.49
N VAL A 477 -1.89 -0.12 7.62
CA VAL A 477 -2.36 -1.50 7.83
C VAL A 477 -1.47 -2.28 8.80
N GLN A 478 -0.27 -1.76 8.98
CA GLN A 478 0.68 -2.24 9.99
C GLN A 478 0.88 -1.43 11.27
N ALA A 479 0.06 -0.40 11.48
CA ALA A 479 -0.08 0.27 12.78
C ALA A 479 1.19 0.34 13.65
N PRO A 480 2.21 1.11 13.23
CA PRO A 480 3.54 1.00 13.87
C PRO A 480 3.61 1.32 15.36
N VAL A 481 4.58 0.68 16.02
CA VAL A 481 4.84 0.86 17.44
C VAL A 481 6.29 1.27 17.58
N GLU A 482 6.56 2.29 18.40
CA GLU A 482 7.94 2.65 18.70
C GLU A 482 8.46 1.94 19.96
N LEU A 483 9.64 1.37 19.85
CA LEU A 483 10.35 0.70 20.95
C LEU A 483 11.48 1.58 21.44
N TYR A 484 12.29 1.10 22.39
CA TYR A 484 13.42 1.89 22.87
C TYR A 484 14.72 1.24 22.41
N SER A 485 15.32 1.81 21.37
CA SER A 485 16.63 1.38 20.89
C SER A 485 17.80 2.28 21.19
N ASP A 486 17.56 3.45 21.78
CA ASP A 486 18.60 4.47 21.81
C ASP A 486 19.61 4.21 22.92
N TRP A 487 19.43 3.13 23.67
CA TRP A 487 20.43 2.73 24.65
C TRP A 487 21.56 1.98 23.98
N LEU A 488 21.42 1.68 22.70
CA LEU A 488 22.46 1.00 21.91
C LEU A 488 23.21 2.01 21.06
N THR A 489 24.53 1.81 20.93
CA THR A 489 25.41 2.71 20.17
C THR A 489 24.90 2.87 18.73
N VAL A 490 24.61 1.75 18.10
CA VAL A 490 24.10 1.73 16.73
C VAL A 490 22.61 2.07 16.71
N GLY A 491 21.87 1.56 17.69
CA GLY A 491 20.50 1.96 17.94
C GLY A 491 19.42 1.24 17.15
N HIS A 492 19.64 -0.03 16.82
CA HIS A 492 18.66 -0.76 16.01
C HIS A 492 17.92 -1.82 16.80
N VAL A 493 16.61 -1.95 16.56
CA VAL A 493 15.85 -3.01 17.20
C VAL A 493 16.37 -4.42 16.88
N ASP A 494 17.02 -4.60 15.73
CA ASP A 494 17.51 -5.93 15.37
C ASP A 494 18.72 -6.34 16.22
N GLU A 495 19.24 -5.41 16.99
CA GLU A 495 20.29 -5.76 17.92
C GLU A 495 19.77 -6.53 19.13
N PHE A 496 18.56 -6.22 19.56
CA PHE A 496 17.97 -6.96 20.69
C PHE A 496 16.79 -7.94 20.57
N MET A 497 16.14 -8.02 19.41
CA MET A 497 14.93 -8.84 19.32
C MET A 497 14.70 -9.36 17.91
N SER A 498 14.00 -10.50 17.81
CA SER A 498 13.55 -11.05 16.54
CA SER A 498 13.56 -11.06 16.54
C SER A 498 12.35 -11.96 16.78
N PHE A 499 11.77 -12.49 15.71
CA PHE A 499 10.62 -13.39 15.83
C PHE A 499 10.93 -14.68 15.08
N VAL A 500 10.49 -15.81 15.61
CA VAL A 500 10.59 -17.09 14.88
C VAL A 500 9.25 -17.83 14.95
N PRO A 501 8.90 -18.56 13.87
CA PRO A 501 7.70 -19.40 13.94
C PRO A 501 7.96 -20.64 14.79
N ILE A 502 6.91 -21.20 15.37
CA ILE A 502 7.03 -22.47 16.07
C ILE A 502 6.55 -23.55 15.12
N PRO A 503 7.49 -24.41 14.68
CA PRO A 503 7.21 -25.42 13.66
C PRO A 503 6.03 -26.33 14.01
N GLY A 504 5.19 -26.60 13.01
CA GLY A 504 4.07 -27.50 13.19
C GLY A 504 2.87 -26.81 13.81
N THR A 505 2.99 -25.51 14.05
CA THR A 505 1.91 -24.74 14.62
C THR A 505 1.69 -23.45 13.84
N LYS A 506 0.66 -22.70 14.25
CA LYS A 506 0.38 -21.37 13.70
C LYS A 506 0.98 -20.29 14.59
N LYS A 507 1.73 -20.70 15.61
CA LYS A 507 2.21 -19.76 16.60
C LYS A 507 3.63 -19.26 16.32
N PHE A 508 4.09 -18.31 17.13
CA PHE A 508 5.45 -17.77 17.00
C PHE A 508 6.04 -17.41 18.36
N LEU A 509 7.34 -17.18 18.38
CA LEU A 509 8.01 -16.71 19.58
C LEU A 509 8.67 -15.38 19.34
N LEU A 510 8.65 -14.52 20.37
CA LEU A 510 9.53 -13.39 20.43
C LEU A 510 10.87 -13.82 21.03
N LEU A 511 11.96 -13.50 20.36
CA LEU A 511 13.29 -13.78 20.92
C LEU A 511 13.90 -12.48 21.43
N MET A 512 14.36 -12.49 22.69
CA MET A 512 14.94 -11.30 23.31
C MET A 512 16.38 -11.58 23.74
N ALA A 513 17.30 -10.65 23.44
CA ALA A 513 18.63 -10.70 24.06
C ALA A 513 18.46 -10.60 25.57
N SER A 514 19.26 -11.38 26.32
CA SER A 514 19.20 -11.30 27.78
C SER A 514 20.61 -11.32 28.37
N THR A 515 21.00 -10.26 29.08
CA THR A 515 22.27 -10.30 29.77
C THR A 515 22.14 -11.14 31.04
N SER A 516 20.94 -11.19 31.63
CA SER A 516 20.77 -11.98 32.84
CA SER A 516 20.71 -12.00 32.83
C SER A 516 20.96 -13.46 32.55
N ALA A 517 20.52 -13.91 31.37
CA ALA A 517 20.70 -15.31 30.99
C ALA A 517 22.17 -15.63 30.79
N CYS A 518 22.92 -14.66 30.26
CA CYS A 518 24.35 -14.88 30.02
C CYS A 518 25.08 -14.98 31.34
N TYR A 519 24.80 -14.04 32.24
CA TYR A 519 25.48 -14.06 33.54
C TYR A 519 25.17 -15.31 34.35
N LYS A 520 23.93 -15.78 34.31
CA LYS A 520 23.56 -16.99 35.03
C LYS A 520 24.30 -18.21 34.49
N LEU A 521 24.37 -18.30 33.16
CA LEU A 521 25.09 -19.39 32.50
C LEU A 521 26.59 -19.39 32.87
N PHE A 522 27.22 -18.21 32.80
CA PHE A 522 28.65 -18.11 33.10
C PHE A 522 28.93 -18.38 34.57
N ARG A 523 28.02 -17.96 35.44
CA ARG A 523 28.19 -18.25 36.86
C ARG A 523 28.06 -19.74 37.13
N GLU A 524 27.14 -20.40 36.43
CA GLU A 524 27.01 -21.85 36.58
C GLU A 524 28.29 -22.56 36.11
N LYS A 525 28.78 -22.19 34.93
CA LYS A 525 30.02 -22.80 34.41
C LYS A 525 31.21 -22.55 35.34
N GLN A 526 31.29 -21.36 35.93
CA GLN A 526 32.36 -21.09 36.91
C GLN A 526 32.24 -21.99 38.13
N LYS A 527 31.03 -22.13 38.64
CA LYS A 527 30.77 -22.99 39.78
C LYS A 527 31.20 -24.42 39.44
N ASP A 528 31.05 -24.80 38.18
CA ASP A 528 31.34 -26.15 37.72
C ASP A 528 32.83 -26.37 37.47
N GLY A 529 33.62 -25.31 37.64
CA GLY A 529 35.07 -25.44 37.54
C GLY A 529 35.66 -24.94 36.23
N HIS A 530 34.81 -24.31 35.44
CA HIS A 530 35.15 -23.79 34.10
C HIS A 530 35.55 -22.32 33.98
N GLY A 531 35.77 -21.67 35.10
CA GLY A 531 36.06 -20.24 35.09
C GLY A 531 37.23 -19.85 34.19
N GLU A 532 38.14 -20.79 33.94
CA GLU A 532 39.28 -20.45 33.09
C GLU A 532 39.00 -20.69 31.60
N ALA A 533 37.77 -21.10 31.28
CA ALA A 533 37.37 -21.28 29.88
C ALA A 533 37.44 -19.94 29.15
N ILE A 534 37.99 -19.97 27.94
CA ILE A 534 38.33 -18.75 27.19
C ILE A 534 37.33 -18.41 26.08
N MET A 535 36.96 -17.12 25.96
CA MET A 535 36.16 -16.60 24.84
C MET A 535 37.01 -16.47 23.59
N PHE A 536 36.34 -16.39 22.42
CA PHE A 536 36.98 -15.95 21.18
C PHE A 536 38.07 -16.85 20.66
N LYS A 537 37.97 -18.14 20.98
CA LYS A 537 38.94 -19.13 20.53
C LYS A 537 39.02 -19.16 19.01
N GLY A 538 40.23 -19.07 18.48
CA GLY A 538 40.39 -19.08 17.05
C GLY A 538 40.36 -17.71 16.42
N LEU A 539 40.09 -16.67 17.21
CA LEU A 539 40.23 -15.33 16.67
C LEU A 539 41.57 -14.77 17.17
N GLY A 540 42.55 -14.74 16.27
CA GLY A 540 43.93 -14.47 16.63
C GLY A 540 44.18 -13.08 17.12
N GLY A 541 43.35 -12.15 16.67
CA GLY A 541 43.48 -10.76 17.06
C GLY A 541 42.94 -10.49 18.46
N MET A 542 42.23 -11.46 19.02
CA MET A 542 41.78 -11.39 20.42
C MET A 542 42.60 -12.18 21.42
N SER A 543 43.57 -12.95 20.95
CA SER A 543 44.24 -13.89 21.84
C SER A 543 44.98 -13.22 22.99
N SER A 544 45.67 -12.11 22.71
CA SER A 544 46.44 -11.43 23.74
C SER A 544 45.57 -10.94 24.90
N LYS A 545 44.27 -10.78 24.64
CA LYS A 545 43.34 -10.32 25.68
C LYS A 545 43.02 -11.40 26.72
N ARG A 546 43.13 -12.66 26.31
CA ARG A 546 42.85 -13.82 27.18
C ARG A 546 41.59 -13.64 28.03
N ILE A 547 40.46 -13.51 27.37
CA ILE A 547 39.19 -13.29 28.05
C ILE A 547 38.59 -14.62 28.50
N THR A 548 38.37 -14.74 29.81
CA THR A 548 37.83 -15.94 30.42
C THR A 548 36.51 -15.63 31.11
N ILE A 549 35.75 -16.67 31.41
CA ILE A 549 34.59 -16.54 32.30
C ILE A 549 34.97 -15.82 33.60
N ASN A 550 36.05 -16.28 34.25
CA ASN A 550 36.51 -15.60 35.47
C ASN A 550 36.73 -14.09 35.26
N LYS A 551 37.41 -13.74 34.18
CA LYS A 551 37.74 -12.33 33.93
C LYS A 551 36.48 -11.50 33.71
N ILE A 552 35.50 -12.09 33.05
CA ILE A 552 34.22 -11.43 32.80
C ILE A 552 33.45 -11.25 34.10
N LEU A 553 33.36 -12.31 34.90
CA LEU A 553 32.56 -12.24 36.13
C LEU A 553 33.17 -11.36 37.21
N SER A 554 34.48 -11.16 37.16
N SER A 554 34.48 -11.17 37.15
CA SER A 554 35.16 -10.36 38.18
CA SER A 554 35.17 -10.35 38.16
C SER A 554 35.25 -8.88 37.80
C SER A 554 35.03 -8.85 37.89
N ASN A 555 34.69 -8.50 36.66
CA ASN A 555 34.73 -7.10 36.26
C ASN A 555 33.47 -6.47 36.81
N GLU A 556 33.66 -5.63 37.83
CA GLU A 556 32.49 -5.14 38.56
C GLU A 556 31.77 -4.08 37.76
N SER A 557 32.51 -3.21 37.09
CA SER A 557 31.86 -2.17 36.29
C SER A 557 31.08 -2.77 35.12
N LEU A 558 31.60 -3.84 34.54
CA LEU A 558 30.88 -4.49 33.43
C LEU A 558 29.59 -5.15 33.92
N VAL A 559 29.61 -5.70 35.13
CA VAL A 559 28.39 -6.21 35.74
C VAL A 559 27.32 -5.12 35.87
N GLN A 560 27.70 -3.96 36.40
CA GLN A 560 26.75 -2.86 36.58
C GLN A 560 26.21 -2.38 35.24
N GLU A 561 27.09 -2.31 34.24
CA GLU A 561 26.65 -1.89 32.91
C GLU A 561 25.59 -2.81 32.38
N ASN A 562 25.81 -4.12 32.56
CA ASN A 562 24.87 -5.08 31.98
C ASN A 562 23.58 -5.22 32.76
N LEU A 563 23.61 -4.95 34.06
CA LEU A 563 22.37 -4.80 34.82
C LEU A 563 21.53 -3.66 34.26
N TYR A 564 22.17 -2.55 33.96
CA TYR A 564 21.49 -1.41 33.36
C TYR A 564 20.92 -1.80 31.98
N PHE A 565 21.72 -2.47 31.15
CA PHE A 565 21.22 -2.87 29.81
C PHE A 565 20.05 -3.84 29.92
N GLN A 566 20.04 -4.67 30.97
CA GLN A 566 18.90 -5.55 31.16
C GLN A 566 17.64 -4.74 31.52
N ARG A 567 17.79 -3.67 32.28
CA ARG A 567 16.66 -2.76 32.54
C ARG A 567 16.12 -2.22 31.20
N CYS A 568 17.03 -1.89 30.30
CA CYS A 568 16.63 -1.39 28.97
C CYS A 568 15.89 -2.47 28.16
N LEU A 569 16.42 -3.69 28.14
CA LEU A 569 15.73 -4.81 27.50
C LEU A 569 14.34 -5.06 28.10
N ASP A 570 14.25 -5.04 29.43
CA ASP A 570 12.99 -5.35 30.10
C ASP A 570 11.92 -4.27 29.86
N TRP A 571 12.34 -3.01 29.72
CA TRP A 571 11.41 -1.94 29.36
C TRP A 571 10.78 -2.28 27.98
N ASN A 572 11.63 -2.73 27.06
CA ASN A 572 11.15 -3.13 25.73
C ASN A 572 10.26 -4.36 25.80
N ARG A 573 10.65 -5.30 26.65
CA ARG A 573 9.88 -6.54 26.83
C ARG A 573 8.46 -6.18 27.22
N ASP A 574 8.32 -5.20 28.10
CA ASP A 574 6.99 -4.82 28.58
C ASP A 574 6.13 -4.18 27.50
N ILE A 575 6.73 -3.30 26.70
CA ILE A 575 5.97 -2.65 25.65
C ILE A 575 5.61 -3.64 24.55
N LEU A 576 6.49 -4.61 24.29
CA LEU A 576 6.16 -5.65 23.32
C LEU A 576 5.02 -6.54 23.80
N LYS A 577 5.06 -6.94 25.07
CA LYS A 577 3.97 -7.73 25.61
C LYS A 577 2.62 -6.97 25.51
N LYS A 578 2.65 -5.67 25.83
CA LYS A 578 1.46 -4.83 25.77
C LYS A 578 0.93 -4.63 24.34
N GLU A 579 1.82 -4.22 23.44
CA GLU A 579 1.41 -3.82 22.09
C GLU A 579 1.25 -4.98 21.09
N LEU A 580 1.87 -6.12 21.38
CA LEU A 580 1.67 -7.36 20.63
C LEU A 580 0.77 -8.41 21.26
N GLY A 581 0.27 -8.15 22.46
CA GLY A 581 -0.57 -9.09 23.17
C GLY A 581 0.12 -10.41 23.52
N LEU A 582 1.33 -10.34 24.05
CA LEU A 582 2.14 -11.53 24.32
C LEU A 582 2.23 -11.76 25.83
N THR A 583 2.41 -13.02 26.20
CA THR A 583 2.69 -13.37 27.58
C THR A 583 4.12 -13.91 27.68
N GLU A 584 4.54 -14.25 28.89
CA GLU A 584 5.88 -14.79 29.08
C GLU A 584 6.06 -16.12 28.35
N GLN A 585 4.96 -16.84 28.12
CA GLN A 585 5.02 -18.11 27.41
C GLN A 585 5.43 -17.94 25.95
N ASP A 586 5.29 -16.72 25.42
CA ASP A 586 5.60 -16.44 24.02
C ASP A 586 7.04 -15.98 23.82
N ILE A 587 7.82 -15.96 24.89
CA ILE A 587 9.13 -15.33 24.82
C ILE A 587 10.28 -16.28 25.18
N ILE A 588 11.32 -16.28 24.35
CA ILE A 588 12.57 -16.96 24.73
C ILE A 588 13.74 -15.97 24.86
N ASP A 589 14.51 -16.10 25.93
CA ASP A 589 15.64 -15.20 26.19
C ASP A 589 16.96 -15.86 25.77
N LEU A 590 17.68 -15.25 24.82
CA LEU A 590 18.99 -15.75 24.39
C LEU A 590 20.11 -15.00 25.08
N PRO A 591 21.12 -15.72 25.60
CA PRO A 591 22.23 -15.02 26.28
C PRO A 591 22.93 -13.99 25.38
N ALA A 592 23.15 -12.80 25.94
CA ALA A 592 23.80 -11.69 25.27
C ALA A 592 24.66 -10.95 26.29
N LEU A 593 25.64 -10.21 25.82
CA LEU A 593 26.47 -9.40 26.70
C LEU A 593 26.88 -8.13 25.94
N PHE A 594 26.94 -7.00 26.65
CA PHE A 594 27.27 -5.73 26.01
C PHE A 594 28.38 -4.99 26.74
N LYS A 595 29.00 -4.05 26.06
CA LYS A 595 29.96 -3.16 26.70
C LYS A 595 29.50 -1.73 26.49
N MET A 596 29.68 -0.89 27.50
CA MET A 596 29.23 0.51 27.41
C MET A 596 30.28 1.43 26.80
N ASP A 597 29.85 2.39 25.99
CA ASP A 597 30.72 3.45 25.48
C ASP A 597 30.64 4.75 26.29
N GLU A 598 31.27 5.81 25.79
CA GLU A 598 31.28 7.12 26.44
C GLU A 598 29.90 7.77 26.60
N ASP A 599 28.96 7.41 25.72
CA ASP A 599 27.62 7.98 25.72
C ASP A 599 26.68 7.19 26.60
N HIS A 600 27.24 6.19 27.28
CA HIS A 600 26.47 5.24 28.09
C HIS A 600 25.54 4.40 27.21
N ARG A 601 25.99 4.14 25.98
CA ARG A 601 25.27 3.27 25.05
C ARG A 601 26.00 1.94 24.82
N ALA A 602 25.23 0.92 24.46
CA ALA A 602 25.68 -0.46 24.39
C ALA A 602 26.17 -0.92 23.00
N ARG A 603 27.25 -1.68 22.99
CA ARG A 603 27.63 -2.43 21.78
C ARG A 603 27.84 -3.87 22.20
N ALA A 604 27.65 -4.80 21.28
CA ALA A 604 27.79 -6.23 21.59
C ALA A 604 29.20 -6.61 22.05
N PHE A 605 29.28 -7.40 23.13
CA PHE A 605 30.54 -7.92 23.63
C PHE A 605 30.99 -9.14 22.82
N PHE A 606 30.01 -9.96 22.45
CA PHE A 606 30.21 -11.07 21.52
C PHE A 606 29.03 -11.01 20.55
N PRO A 607 29.16 -11.66 19.38
CA PRO A 607 28.14 -11.47 18.34
C PRO A 607 26.70 -11.67 18.81
N ASN A 608 25.80 -10.77 18.40
N ASN A 608 25.82 -10.82 18.32
CA ASN A 608 24.41 -10.85 18.88
CA ASN A 608 24.44 -10.84 18.74
C ASN A 608 23.68 -11.97 18.14
C ASN A 608 23.73 -12.02 18.08
N MET A 609 23.32 -13.01 18.88
CA MET A 609 22.72 -14.22 18.30
C MET A 609 21.27 -13.99 17.88
N VAL A 610 20.65 -12.96 18.42
CA VAL A 610 19.23 -12.75 18.14
C VAL A 610 19.02 -12.33 16.68
N ASN A 611 20.04 -11.76 16.05
CA ASN A 611 19.82 -11.31 14.69
C ASN A 611 20.22 -12.48 13.80
N MET A 612 19.20 -13.20 13.37
CA MET A 612 19.45 -14.50 12.77
C MET A 612 18.68 -14.59 11.47
N ILE A 613 19.09 -15.50 10.59
CA ILE A 613 18.38 -15.71 9.33
C ILE A 613 17.29 -16.71 9.63
N VAL A 614 16.04 -16.36 9.37
CA VAL A 614 14.98 -17.27 9.72
C VAL A 614 14.39 -17.85 8.45
N LEU A 615 14.68 -19.12 8.17
CA LEU A 615 14.00 -19.72 7.04
C LEU A 615 13.14 -20.85 7.55
N ASP A 616 11.88 -20.54 7.82
N ASP A 616 11.87 -20.55 7.82
CA ASP A 616 10.97 -21.45 8.50
CA ASP A 616 10.98 -21.45 8.52
C ASP A 616 11.64 -22.12 9.71
C ASP A 616 11.66 -22.11 9.73
N LYS A 617 11.69 -23.45 9.73
CA LYS A 617 12.29 -24.19 10.86
C LYS A 617 13.81 -24.05 10.99
N ASP A 618 14.46 -23.60 9.92
CA ASP A 618 15.92 -23.52 9.88
C ASP A 618 16.43 -22.12 10.20
N LEU A 619 17.27 -22.01 11.24
CA LEU A 619 17.77 -20.72 11.71
C LEU A 619 19.28 -20.60 11.50
N GLY A 620 19.74 -19.67 10.66
CA GLY A 620 21.15 -19.28 10.71
C GLY A 620 21.42 -18.29 11.83
N ILE A 621 22.23 -18.71 12.77
CA ILE A 621 22.50 -17.95 14.00
C ILE A 621 23.96 -17.49 14.04
N PRO A 622 24.23 -16.19 14.25
CA PRO A 622 25.64 -15.76 14.32
C PRO A 622 26.40 -16.59 15.35
N LYS A 623 27.57 -17.10 14.98
CA LYS A 623 28.43 -17.86 15.89
C LYS A 623 28.97 -16.93 16.97
N PRO A 624 28.68 -17.23 18.26
CA PRO A 624 29.04 -16.39 19.42
C PRO A 624 30.51 -16.41 19.88
N PHE A 625 31.23 -17.48 19.59
CA PHE A 625 32.61 -17.63 20.06
C PHE A 625 32.70 -17.56 21.58
N GLY A 626 31.78 -18.26 22.25
CA GLY A 626 31.74 -18.28 23.70
C GLY A 626 32.75 -19.24 24.33
N PRO A 627 32.72 -19.32 25.66
CA PRO A 627 33.69 -20.17 26.36
C PRO A 627 33.50 -21.63 25.96
N GLN A 628 34.60 -22.33 25.63
CA GLN A 628 34.55 -23.77 25.32
C GLN A 628 34.54 -24.61 26.59
N VAL A 629 33.56 -25.49 26.69
CA VAL A 629 33.50 -26.47 27.77
C VAL A 629 33.31 -27.83 27.13
N GLU A 630 34.24 -28.74 27.40
CA GLU A 630 34.29 -30.03 26.70
C GLU A 630 34.29 -29.84 25.17
N GLU A 631 35.06 -28.86 24.71
N GLU A 631 35.06 -28.86 24.72
CA GLU A 631 35.27 -28.58 23.30
CA GLU A 631 35.26 -28.60 23.30
C GLU A 631 34.00 -28.20 22.51
C GLU A 631 33.96 -28.30 22.53
N GLU A 632 33.00 -27.66 23.20
CA GLU A 632 31.81 -27.13 22.53
C GLU A 632 31.58 -25.75 23.14
N CYS A 633 31.14 -24.80 22.33
CA CYS A 633 30.85 -23.47 22.86
C CYS A 633 29.67 -23.58 23.79
N CYS A 634 29.82 -23.09 25.02
CA CYS A 634 28.70 -23.21 25.97
C CYS A 634 27.51 -22.33 25.57
N LEU A 635 27.75 -21.26 24.81
CA LEU A 635 26.62 -20.47 24.32
C LEU A 635 25.84 -21.20 23.22
N GLU A 636 26.57 -21.84 22.29
CA GLU A 636 25.89 -22.63 21.25
C GLU A 636 25.04 -23.73 21.88
N MET A 637 25.61 -24.43 22.86
CA MET A 637 24.91 -25.56 23.46
C MET A 637 23.67 -25.07 24.18
N HIS A 638 23.78 -23.91 24.82
CA HIS A 638 22.66 -23.39 25.60
C HIS A 638 21.52 -22.98 24.67
N VAL A 639 21.88 -22.33 23.57
CA VAL A 639 20.89 -21.86 22.60
C VAL A 639 20.18 -23.04 21.93
N ARG A 640 20.94 -24.08 21.59
CA ARG A 640 20.35 -25.31 21.07
C ARG A 640 19.35 -25.92 22.06
N GLY A 641 19.70 -25.90 23.35
CA GLY A 641 18.84 -26.48 24.36
C GLY A 641 17.53 -25.71 24.52
N LEU A 642 17.56 -24.42 24.21
CA LEU A 642 16.35 -23.60 24.23
C LEU A 642 15.45 -23.83 23.01
N LEU A 643 16.07 -23.82 21.83
CA LEU A 643 15.38 -23.88 20.53
C LEU A 643 15.02 -25.24 19.94
N GLU A 644 15.96 -26.18 20.04
CA GLU A 644 15.76 -27.50 19.43
C GLU A 644 14.53 -28.29 19.92
N PRO A 645 14.20 -28.22 21.22
CA PRO A 645 12.98 -28.91 21.68
C PRO A 645 11.72 -28.44 20.97
N LEU A 646 11.73 -27.22 20.44
CA LEU A 646 10.57 -26.68 19.72
C LEU A 646 10.51 -27.08 18.26
N GLY A 647 11.52 -27.81 17.81
CA GLY A 647 11.55 -28.27 16.44
C GLY A 647 12.33 -27.33 15.53
N LEU A 648 12.97 -26.34 16.12
CA LEU A 648 13.80 -25.41 15.35
C LEU A 648 15.20 -26.00 15.16
N GLU A 649 15.71 -25.92 13.95
CA GLU A 649 17.06 -26.44 13.65
C GLU A 649 18.08 -25.31 13.56
N CYS A 650 19.14 -25.42 14.33
CA CYS A 650 20.09 -24.31 14.46
C CYS A 650 21.35 -24.59 13.68
N THR A 651 21.73 -23.64 12.83
CA THR A 651 23.04 -23.64 12.17
C THR A 651 23.78 -22.38 12.61
N PHE A 652 24.95 -22.54 13.22
CA PHE A 652 25.74 -21.38 13.61
C PHE A 652 26.63 -20.93 12.46
N ILE A 653 26.57 -19.63 12.15
CA ILE A 653 27.21 -19.08 10.96
C ILE A 653 28.31 -18.10 11.37
N ASP A 654 29.53 -18.35 10.93
CA ASP A 654 30.66 -17.55 11.39
C ASP A 654 30.95 -16.45 10.37
N ASP A 655 30.60 -15.20 10.70
CA ASP A 655 30.95 -14.09 9.83
C ASP A 655 32.18 -13.32 10.28
N ILE A 656 32.69 -13.63 11.47
CA ILE A 656 33.84 -12.88 12.00
C ILE A 656 35.26 -13.45 11.89
N SER A 657 35.42 -14.73 11.60
CA SER A 657 36.76 -15.34 11.59
C SER A 657 37.66 -14.71 10.54
N ALA A 658 37.06 -14.33 9.42
CA ALA A 658 37.82 -13.71 8.35
C ALA A 658 38.52 -12.41 8.81
N TYR A 659 37.97 -11.79 9.84
CA TYR A 659 38.51 -10.54 10.38
C TYR A 659 39.41 -10.72 11.60
N HIS A 660 39.54 -11.96 12.06
CA HIS A 660 40.43 -12.30 13.18
C HIS A 660 40.05 -11.72 14.55
N LYS A 661 39.03 -10.89 14.61
CA LYS A 661 38.63 -10.31 15.88
C LYS A 661 37.20 -9.79 15.84
N PHE A 662 36.61 -9.59 17.02
CA PHE A 662 35.28 -9.00 17.11
C PHE A 662 35.30 -7.77 18.03
N LEU A 663 35.05 -6.61 17.43
CA LEU A 663 34.93 -5.33 18.14
C LEU A 663 33.51 -4.79 18.41
N GLY A 664 32.50 -5.57 18.05
CA GLY A 664 31.12 -5.12 18.17
C GLY A 664 30.48 -4.81 16.82
N GLU A 665 31.29 -4.81 15.76
CA GLU A 665 30.77 -4.55 14.41
C GLU A 665 30.49 -5.84 13.64
N VAL A 666 29.43 -5.82 12.82
CA VAL A 666 29.13 -6.93 11.93
C VAL A 666 29.47 -6.53 10.48
N HIS A 667 30.20 -7.40 9.80
CA HIS A 667 30.68 -7.13 8.44
C HIS A 667 29.91 -7.77 7.29
N CYS A 668 28.82 -8.45 7.58
CA CYS A 668 28.03 -9.07 6.54
C CYS A 668 26.61 -8.67 6.76
N GLY A 669 25.78 -8.90 5.76
CA GLY A 669 24.37 -8.67 5.96
C GLY A 669 23.59 -9.64 5.11
N THR A 670 22.37 -9.89 5.54
CA THR A 670 21.43 -10.70 4.76
C THR A 670 20.07 -10.06 4.86
N ASN A 671 19.24 -10.37 3.89
CA ASN A 671 17.85 -9.97 3.92
C ASN A 671 17.08 -11.01 3.14
N VAL A 672 15.88 -11.34 3.60
CA VAL A 672 15.12 -12.43 2.99
C VAL A 672 13.85 -11.89 2.36
N ARG A 673 13.68 -12.18 1.08
CA ARG A 673 12.49 -11.80 0.37
C ARG A 673 11.48 -12.94 0.50
N ARG A 674 10.28 -12.62 0.98
CA ARG A 674 9.30 -13.62 1.38
C ARG A 674 8.01 -13.51 0.59
N LYS A 675 7.21 -14.57 0.61
CA LYS A 675 5.88 -14.52 0.01
C LYS A 675 5.00 -13.58 0.81
N PRO A 676 4.05 -12.92 0.14
CA PRO A 676 3.14 -12.01 0.86
C PRO A 676 2.16 -12.79 1.73
N PHE A 677 1.53 -12.08 2.66
CA PHE A 677 0.43 -12.65 3.45
C PHE A 677 -0.68 -13.15 2.53
N THR A 678 -1.33 -14.23 2.94
CA THR A 678 -2.52 -14.73 2.26
C THR A 678 -3.69 -13.78 2.49
N PHE A 679 -3.76 -13.21 3.69
CA PHE A 679 -4.82 -12.25 4.03
C PHE A 679 -4.69 -11.02 3.14
N LYS A 680 -5.78 -10.59 2.50
CA LYS A 680 -5.74 -9.39 1.66
C LYS A 680 -5.87 -8.13 2.50
N TRP A 681 -4.96 -7.17 2.30
CA TRP A 681 -4.93 -5.95 3.11
C TRP A 681 -6.27 -5.19 3.10
N TRP A 682 -6.97 -5.23 1.97
CA TRP A 682 -8.23 -4.49 1.86
C TRP A 682 -9.35 -5.09 2.72
N HIS A 683 -9.13 -6.30 3.24
CA HIS A 683 -10.10 -6.94 4.13
C HIS A 683 -9.93 -6.50 5.60
N MET A 684 -8.85 -5.78 5.90
CA MET A 684 -8.63 -5.20 7.23
C MET A 684 -9.59 -4.02 7.47
N VAL A 685 -9.85 -3.69 8.74
CA VAL A 685 -10.54 -2.46 9.07
C VAL A 685 -9.72 -1.64 10.05
N PRO A 686 -8.79 -0.82 9.55
CA PRO A 686 -7.93 -0.03 10.44
C PRO A 686 -8.72 0.99 11.24
N SER A 687 -8.20 1.35 12.41
CA SER A 687 -8.85 2.34 13.25
C SER A 687 -9.01 3.68 12.54
N ARG A 688 -10.14 4.35 12.78
CA ARG A 688 -10.37 5.71 12.27
C ARG A 688 -9.26 6.67 12.66
N ARG A 689 -8.83 7.50 11.71
CA ARG A 689 -7.88 8.57 12.00
C ARG A 689 -8.60 9.89 12.24
C1 MPD B . -10.63 9.83 -27.09
C2 MPD B . -9.96 8.47 -26.98
O2 MPD B . -10.30 7.94 -25.67
CM MPD B . -10.48 7.53 -28.05
C3 MPD B . -8.44 8.61 -27.08
C4 MPD B . -7.91 9.35 -28.31
O4 MPD B . -8.10 10.75 -28.20
C5 MPD B . -6.42 9.10 -28.42
C1 MPD C . 10.45 4.74 23.80
C2 MPD C . 9.19 5.27 23.13
O2 MPD C . 9.06 6.69 23.41
CM MPD C . 9.40 5.12 21.65
C3 MPD C . 7.94 4.49 23.55
C4 MPD C . 6.72 5.32 23.99
O4 MPD C . 7.11 6.49 24.68
C5 MPD C . 5.88 5.71 22.79
C1 MPD D . 13.36 16.61 31.14
C2 MPD D . 13.38 16.02 32.55
O2 MPD D . 12.01 15.78 32.96
CM MPD D . 14.14 14.71 32.58
C3 MPD D . 14.02 17.02 33.53
C4 MPD D . 13.43 16.88 34.92
O4 MPD D . 13.88 15.68 35.51
C5 MPD D . 13.87 18.04 35.81
CA CA E . 5.54 -5.03 -13.89
CA CA F . 5.53 -1.41 -14.39
CA CA G . -15.16 -6.72 -10.67
C ACT H . -42.02 27.14 -31.01
O ACT H . -41.41 26.34 -30.28
OXT ACT H . -41.62 27.21 -32.20
CH3 ACT H . -43.17 27.98 -30.52
C ACT I . 25.36 2.75 35.23
O ACT I . 25.02 3.66 34.46
OXT ACT I . 26.46 2.20 34.97
CH3 ACT I . 24.52 2.35 36.41
CA CA J . 6.13 5.18 -17.46
#